data_9FIU
#
_entry.id   9FIU
#
_cell.length_a   74.88
_cell.length_b   68.23
_cell.length_c   76.88
_cell.angle_alpha   90
_cell.angle_beta   92.22
_cell.angle_gamma   90
#
_symmetry.space_group_name_H-M   'P 1 21 1'
#
loop_
_entity.id
_entity.type
_entity.pdbx_description
1 polymer 'Ubiquitin carboxyl-terminal hydrolase 7'
2 non-polymer 3-[[1-[(3~{R},4~{R})-1-[5-(3-methoxypyridin-4-yl)thiophen-2-yl]carbonyl-3-phenyl-piperidin-4-yl]carbonyl-4-oxidanyl-piperidin-4-yl]methyl]-7-methyl-pyrrolo[2,3-d]pyrimidin-4-one
#
_entity_poly.entity_id   1
_entity_poly.type   'polypeptide(L)'
_entity_poly.pdbx_seq_one_letter_code
;GSKKHTGYVGLKNQGATCYMNSLLQTLFFTNQLRKAVYMMPTEGDDSSKSVPLALQRVFYELQHSDKPVGTKKLTKSFGW
ETLDSFMQHDVQELCRVLLDNVENKMKGTCVEGTIPKLFRGKMVSYIQCKEVDYRSDRREDYYDIQLSIKGKKNIFESFV
DYVAVEQLDGDNKYDAGEHGLQEAEKGVKFLTLPPVLHLQLMRAMYDPQTDQNIKINDRFEFPEQLPLDEFLQKTDPKDP
ANYILHAVLVHSGDNHGGHYVVYLNPKGDGKWCKFDDDVVSRCTKEEAIEHNYGGHDDDLSVRHCTNAYMLVYIRESKLS
EVLQAVTDHDIPQQLVERLQEEKRIEAQKRKERQE
;
_entity_poly.pdbx_strand_id   A,B
#
loop_
_chem_comp.id
_chem_comp.type
_chem_comp.name
_chem_comp.formula
A1ICX non-polymer 3-[[1-[(3~{R},4~{R})-1-[5-(3-methoxypyridin-4-yl)thiophen-2-yl]carbonyl-3-phenyl-piperidin-4-yl]carbonyl-4-oxidanyl-piperidin-4-yl]methyl]-7-methyl-pyrrolo[2,3-d]pyrimidin-4-one 'C36 H38 N6 O5 S'
#
# COMPACT_ATOMS: atom_id res chain seq x y z
N THR A 6 17.58 -20.17 -7.85
CA THR A 6 16.21 -20.38 -8.38
C THR A 6 16.24 -20.29 -9.91
N GLY A 7 16.86 -19.19 -10.40
CA GLY A 7 16.84 -18.82 -11.81
C GLY A 7 15.63 -17.94 -12.12
N TYR A 8 14.89 -17.51 -11.08
CA TYR A 8 13.60 -16.84 -11.23
C TYR A 8 13.68 -15.41 -10.68
N VAL A 9 13.02 -14.47 -11.37
CA VAL A 9 13.11 -13.05 -11.03
C VAL A 9 11.84 -12.63 -10.31
N GLY A 10 11.98 -11.66 -9.40
CA GLY A 10 10.85 -11.15 -8.65
C GLY A 10 10.11 -10.04 -9.41
N LEU A 11 9.05 -9.52 -8.77
CA LEU A 11 8.31 -8.35 -9.20
C LEU A 11 8.53 -7.23 -8.18
N LYS A 12 8.63 -5.98 -8.66
CA LYS A 12 8.62 -4.83 -7.78
C LYS A 12 7.19 -4.64 -7.28
N ASN A 13 7.03 -4.34 -5.98
CA ASN A 13 5.73 -4.25 -5.34
C ASN A 13 5.23 -2.82 -5.41
N GLN A 14 4.65 -2.42 -6.55
CA GLN A 14 4.69 -1.02 -6.96
C GLN A 14 3.70 -0.17 -6.15
N GLY A 15 2.45 -0.62 -6.01
CA GLY A 15 1.50 0.09 -5.16
C GLY A 15 1.21 -0.72 -3.90
N ALA A 16 0.07 -0.42 -3.26
CA ALA A 16 -0.66 -1.43 -2.53
C ALA A 16 -1.51 -2.19 -3.54
N THR A 17 -0.83 -2.96 -4.39
CA THR A 17 -1.47 -3.85 -5.35
C THR A 17 -1.78 -5.18 -4.67
N CYS A 18 -1.39 -5.34 -3.40
CA CYS A 18 -1.78 -6.49 -2.60
C CYS A 18 -1.42 -7.80 -3.30
N TYR A 19 -2.45 -8.52 -3.79
CA TYR A 19 -2.32 -9.90 -4.25
C TYR A 19 -1.79 -9.97 -5.67
N MET A 20 -1.64 -8.83 -6.33
CA MET A 20 -1.46 -8.81 -7.78
C MET A 20 -0.16 -9.51 -8.12
N ASN A 21 0.91 -9.19 -7.39
CA ASN A 21 2.19 -9.82 -7.68
C ASN A 21 2.03 -11.33 -7.58
N SER A 22 1.43 -11.81 -6.48
CA SER A 22 1.16 -13.22 -6.28
C SER A 22 0.44 -13.83 -7.48
N LEU A 23 -0.60 -13.13 -7.97
CA LEU A 23 -1.42 -13.64 -9.06
C LEU A 23 -0.62 -13.69 -10.35
N LEU A 24 0.08 -12.59 -10.67
CA LEU A 24 0.89 -12.51 -11.87
C LEU A 24 1.83 -13.71 -11.95
N GLN A 25 2.46 -14.08 -10.83
CA GLN A 25 3.49 -15.11 -10.86
C GLN A 25 2.84 -16.46 -11.17
N THR A 26 1.72 -16.75 -10.48
CA THR A 26 0.93 -17.93 -10.73
C THR A 26 0.56 -18.04 -12.21
N LEU A 27 0.21 -16.91 -12.81
CA LEU A 27 -0.21 -16.87 -14.20
C LEU A 27 0.99 -17.07 -15.11
N PHE A 28 2.12 -16.44 -14.77
CA PHE A 28 3.31 -16.52 -15.59
C PHE A 28 3.72 -17.98 -15.73
N PHE A 29 3.72 -18.72 -14.62
CA PHE A 29 4.21 -20.09 -14.64
C PHE A 29 3.13 -21.06 -15.16
N THR A 30 1.99 -20.53 -15.60
CA THR A 30 1.08 -21.28 -16.44
C THR A 30 1.56 -21.15 -17.88
N ASN A 31 2.54 -21.97 -18.26
CA ASN A 31 3.35 -21.73 -19.45
C ASN A 31 2.49 -21.74 -20.70
N GLN A 32 1.51 -22.65 -20.76
CA GLN A 32 0.67 -22.74 -21.94
C GLN A 32 -0.10 -21.44 -22.13
N LEU A 33 -0.40 -20.77 -21.02
CA LEU A 33 -1.04 -19.45 -21.08
C LEU A 33 -0.04 -18.40 -21.53
N ARG A 34 1.17 -18.45 -20.98
CA ARG A 34 2.18 -17.45 -21.29
C ARG A 34 2.41 -17.39 -22.80
N LYS A 35 2.58 -18.58 -23.41
CA LYS A 35 2.97 -18.68 -24.82
C LYS A 35 1.83 -18.25 -25.74
N ALA A 36 0.59 -18.46 -25.28
CA ALA A 36 -0.54 -17.94 -26.00
C ALA A 36 -0.50 -16.42 -25.94
N VAL A 37 -0.25 -15.88 -24.74
CA VAL A 37 -0.30 -14.45 -24.50
C VAL A 37 0.61 -13.75 -25.52
N TYR A 38 1.84 -14.25 -25.62
CA TYR A 38 2.85 -13.70 -26.51
C TYR A 38 2.36 -13.61 -27.96
N MET A 39 1.51 -14.56 -28.39
CA MET A 39 1.06 -14.65 -29.77
C MET A 39 -0.06 -13.63 -30.06
N MET A 40 -0.49 -12.83 -29.08
CA MET A 40 -1.58 -11.90 -29.31
C MET A 40 -1.10 -10.79 -30.24
N PRO A 41 -1.94 -10.35 -31.22
CA PRO A 41 -1.51 -9.36 -32.21
C PRO A 41 -1.65 -7.96 -31.63
N THR A 42 -0.66 -7.54 -30.85
CA THR A 42 -0.65 -6.20 -30.28
C THR A 42 0.20 -5.26 -31.13
N GLU A 43 0.43 -5.62 -32.39
CA GLU A 43 1.19 -4.81 -33.33
C GLU A 43 0.81 -3.34 -33.18
N GLY A 44 -0.48 -3.04 -33.36
CA GLY A 44 -0.92 -1.65 -33.40
C GLY A 44 -1.76 -1.30 -32.19
N ASP A 45 -1.44 -1.90 -31.03
CA ASP A 45 -2.16 -1.63 -29.79
C ASP A 45 -1.56 -0.43 -29.08
N ASP A 46 -2.44 0.42 -28.54
CA ASP A 46 -2.02 1.60 -27.80
C ASP A 46 -1.11 1.16 -26.68
N SER A 47 0.00 1.88 -26.53
CA SER A 47 1.07 1.47 -25.65
C SER A 47 0.57 1.40 -24.21
N SER A 48 -0.31 2.34 -23.81
CA SER A 48 -0.67 2.57 -22.41
C SER A 48 -2.09 2.11 -22.11
N LYS A 49 -2.98 2.24 -23.10
CA LYS A 49 -4.39 1.91 -22.93
C LYS A 49 -4.56 0.39 -22.97
N SER A 50 -3.62 -0.33 -23.61
CA SER A 50 -3.78 -1.75 -23.90
C SER A 50 -3.41 -2.60 -22.69
N VAL A 51 -4.39 -3.37 -22.18
CA VAL A 51 -4.14 -4.35 -21.15
C VAL A 51 -3.37 -5.53 -21.73
N PRO A 52 -3.80 -6.15 -22.85
CA PRO A 52 -3.06 -7.27 -23.45
C PRO A 52 -1.59 -7.01 -23.81
N LEU A 53 -1.27 -5.78 -24.24
CA LEU A 53 0.12 -5.43 -24.45
C LEU A 53 0.83 -5.50 -23.10
N ALA A 54 0.32 -4.74 -22.12
CA ALA A 54 0.97 -4.54 -20.82
C ALA A 54 1.29 -5.87 -20.14
N LEU A 55 0.46 -6.88 -20.38
CA LEU A 55 0.67 -8.19 -19.79
C LEU A 55 1.83 -8.88 -20.48
N GLN A 56 1.89 -8.75 -21.82
CA GLN A 56 3.00 -9.24 -22.62
C GLN A 56 4.31 -8.65 -22.09
N ARG A 57 4.27 -7.38 -21.67
CA ARG A 57 5.43 -6.64 -21.19
C ARG A 57 5.95 -7.20 -19.87
N VAL A 58 5.04 -7.42 -18.92
CA VAL A 58 5.38 -8.01 -17.63
C VAL A 58 5.95 -9.41 -17.84
N PHE A 59 5.30 -10.21 -18.69
CA PHE A 59 5.73 -11.57 -18.96
C PHE A 59 7.11 -11.54 -19.60
N TYR A 60 7.24 -10.81 -20.73
CA TYR A 60 8.52 -10.65 -21.38
C TYR A 60 9.57 -10.45 -20.30
N GLU A 61 9.35 -9.42 -19.47
CA GLU A 61 10.35 -8.98 -18.53
C GLU A 61 10.63 -10.10 -17.54
N LEU A 62 9.59 -10.78 -17.05
CA LEU A 62 9.79 -11.85 -16.10
C LEU A 62 10.67 -12.93 -16.71
N GLN A 63 10.49 -13.20 -18.01
CA GLN A 63 11.26 -14.25 -18.66
C GLN A 63 12.70 -13.82 -18.92
N HIS A 64 12.96 -12.50 -19.05
CA HIS A 64 14.26 -12.03 -19.50
C HIS A 64 15.02 -11.26 -18.40
N SER A 65 14.33 -10.35 -17.69
CA SER A 65 15.01 -9.49 -16.73
C SER A 65 15.74 -10.33 -15.69
N ASP A 66 16.94 -9.87 -15.30
CA ASP A 66 17.70 -10.40 -14.18
C ASP A 66 17.43 -9.55 -12.94
N LYS A 67 16.63 -8.50 -13.13
CA LYS A 67 16.39 -7.48 -12.12
C LYS A 67 14.89 -7.34 -11.90
N PRO A 68 14.43 -7.09 -10.66
CA PRO A 68 12.99 -7.02 -10.35
C PRO A 68 12.14 -6.28 -11.39
N VAL A 69 10.94 -6.83 -11.65
CA VAL A 69 10.13 -6.39 -12.77
C VAL A 69 9.01 -5.49 -12.25
N GLY A 70 8.66 -4.48 -13.04
CA GLY A 70 7.67 -3.48 -12.64
C GLY A 70 6.32 -3.71 -13.31
N THR A 71 5.29 -3.01 -12.81
CA THR A 71 3.90 -3.30 -13.14
C THR A 71 3.09 -2.03 -13.43
N LYS A 72 3.70 -0.85 -13.49
CA LYS A 72 2.96 0.41 -13.38
C LYS A 72 1.97 0.53 -14.54
N LYS A 73 2.47 0.28 -15.75
CA LYS A 73 1.72 0.48 -16.98
C LYS A 73 0.56 -0.49 -17.04
N LEU A 74 0.75 -1.67 -16.42
CA LEU A 74 -0.28 -2.70 -16.31
C LEU A 74 -1.38 -2.24 -15.37
N THR A 75 -1.01 -1.82 -14.16
CA THR A 75 -1.96 -1.27 -13.19
C THR A 75 -2.83 -0.22 -13.87
N LYS A 76 -2.16 0.77 -14.50
CA LYS A 76 -2.81 1.89 -15.15
C LYS A 76 -3.76 1.37 -16.24
N SER A 77 -3.31 0.36 -16.99
CA SER A 77 -4.07 -0.12 -18.14
C SER A 77 -5.48 -0.54 -17.73
N PHE A 78 -5.63 -1.27 -16.61
CA PHE A 78 -6.95 -1.72 -16.23
C PHE A 78 -7.50 -0.85 -15.10
N GLY A 79 -6.89 0.32 -14.92
CA GLY A 79 -7.49 1.38 -14.12
C GLY A 79 -7.84 0.93 -12.69
N TRP A 80 -6.89 0.24 -12.04
CA TRP A 80 -6.98 -0.08 -10.62
C TRP A 80 -5.85 0.63 -9.89
N GLU A 81 -6.00 1.93 -9.61
CA GLU A 81 -4.91 2.70 -9.01
C GLU A 81 -5.35 3.28 -7.67
N THR A 82 -6.41 4.08 -7.69
CA THR A 82 -6.90 4.75 -6.48
C THR A 82 -6.98 3.72 -5.36
N LEU A 83 -6.44 4.06 -4.18
CA LEU A 83 -6.43 3.14 -3.05
C LEU A 83 -7.85 2.62 -2.85
N ASP A 84 -8.01 1.32 -2.50
CA ASP A 84 -9.30 0.65 -2.35
C ASP A 84 -9.58 -0.24 -3.58
N SER A 85 -8.90 0.06 -4.70
CA SER A 85 -9.10 -0.70 -5.94
C SER A 85 -8.84 -2.19 -5.71
N PHE A 86 -7.88 -2.52 -4.83
CA PHE A 86 -7.51 -3.90 -4.59
C PHE A 86 -8.33 -4.48 -3.45
N MET A 87 -8.51 -3.71 -2.37
CA MET A 87 -9.24 -4.16 -1.20
C MET A 87 -10.69 -4.48 -1.55
N GLN A 88 -11.26 -3.68 -2.46
CA GLN A 88 -12.66 -3.79 -2.79
C GLN A 88 -12.97 -5.04 -3.59
N HIS A 89 -11.91 -5.71 -4.08
CA HIS A 89 -12.07 -6.86 -4.97
C HIS A 89 -11.37 -8.09 -4.39
N ASP A 90 -11.97 -9.26 -4.68
CA ASP A 90 -11.36 -10.55 -4.41
C ASP A 90 -10.34 -10.88 -5.48
N VAL A 91 -9.49 -11.88 -5.21
CA VAL A 91 -8.38 -12.17 -6.12
C VAL A 91 -8.93 -12.70 -7.45
N GLN A 92 -10.05 -13.44 -7.40
CA GLN A 92 -10.61 -14.05 -8.59
C GLN A 92 -11.17 -13.00 -9.54
N GLU A 93 -11.54 -11.83 -9.02
CA GLU A 93 -12.04 -10.76 -9.87
C GLU A 93 -10.89 -10.14 -10.65
N LEU A 94 -9.72 -10.04 -10.03
CA LEU A 94 -8.55 -9.50 -10.70
C LEU A 94 -8.17 -10.46 -11.83
N CYS A 95 -8.22 -11.75 -11.50
CA CYS A 95 -8.03 -12.78 -12.50
C CYS A 95 -8.99 -12.53 -13.65
N ARG A 96 -10.30 -12.57 -13.38
CA ARG A 96 -11.30 -12.48 -14.43
C ARG A 96 -10.99 -11.32 -15.36
N VAL A 97 -10.69 -10.15 -14.79
CA VAL A 97 -10.39 -8.94 -15.56
C VAL A 97 -9.30 -9.24 -16.57
N LEU A 98 -8.19 -9.81 -16.11
CA LEU A 98 -7.04 -10.08 -16.96
C LEU A 98 -7.38 -11.09 -18.04
N LEU A 99 -7.85 -12.28 -17.62
CA LEU A 99 -8.09 -13.40 -18.52
C LEU A 99 -9.15 -13.02 -19.55
N ASP A 100 -10.17 -12.28 -19.14
CA ASP A 100 -11.24 -11.89 -20.04
C ASP A 100 -10.69 -11.04 -21.18
N ASN A 101 -9.84 -10.06 -20.84
CA ASN A 101 -9.17 -9.18 -21.80
C ASN A 101 -8.39 -9.98 -22.82
N VAL A 102 -7.60 -10.92 -22.29
CA VAL A 102 -6.76 -11.78 -23.09
C VAL A 102 -7.63 -12.70 -23.95
N GLU A 103 -8.58 -13.40 -23.31
CA GLU A 103 -9.52 -14.25 -24.03
C GLU A 103 -10.01 -13.54 -25.29
N ASN A 104 -10.40 -12.27 -25.13
CA ASN A 104 -11.02 -11.48 -26.19
C ASN A 104 -9.98 -11.06 -27.22
N LYS A 105 -8.76 -10.74 -26.78
CA LYS A 105 -7.71 -10.33 -27.70
C LYS A 105 -7.33 -11.48 -28.63
N MET A 106 -7.45 -12.71 -28.13
CA MET A 106 -7.10 -13.90 -28.86
C MET A 106 -8.22 -14.33 -29.81
N LYS A 107 -9.34 -13.60 -29.80
CA LYS A 107 -10.43 -13.92 -30.70
C LYS A 107 -10.00 -13.62 -32.13
N GLY A 108 -10.34 -14.56 -33.03
CA GLY A 108 -10.01 -14.45 -34.44
C GLY A 108 -8.54 -14.77 -34.73
N THR A 109 -7.84 -15.40 -33.77
CA THR A 109 -6.45 -15.76 -33.99
C THR A 109 -6.32 -17.28 -33.91
N CYS A 110 -5.07 -17.73 -34.06
CA CYS A 110 -4.69 -19.14 -34.01
C CYS A 110 -4.68 -19.66 -32.58
N VAL A 111 -4.75 -18.73 -31.62
CA VAL A 111 -4.73 -19.11 -30.23
C VAL A 111 -6.07 -18.79 -29.58
N GLU A 112 -7.05 -18.36 -30.40
CA GLU A 112 -8.44 -18.31 -29.98
C GLU A 112 -8.81 -19.56 -29.18
N GLY A 113 -9.35 -19.34 -27.97
CA GLY A 113 -9.96 -20.39 -27.18
C GLY A 113 -9.07 -20.90 -26.06
N THR A 114 -7.87 -20.34 -25.90
CA THR A 114 -6.91 -20.91 -24.98
C THR A 114 -7.41 -20.77 -23.54
N ILE A 115 -8.08 -19.64 -23.25
CA ILE A 115 -8.45 -19.38 -21.87
C ILE A 115 -9.47 -20.42 -21.40
N PRO A 116 -10.68 -20.52 -22.00
CA PRO A 116 -11.65 -21.55 -21.61
C PRO A 116 -11.00 -22.93 -21.61
N LYS A 117 -10.27 -23.23 -22.70
CA LYS A 117 -9.56 -24.49 -22.81
C LYS A 117 -8.85 -24.78 -21.49
N LEU A 118 -8.21 -23.76 -20.90
CA LEU A 118 -7.34 -23.94 -19.74
C LEU A 118 -8.09 -23.92 -18.40
N PHE A 119 -9.15 -23.09 -18.29
CA PHE A 119 -9.70 -22.74 -16.98
C PHE A 119 -11.18 -23.04 -16.79
N ARG A 120 -11.94 -23.30 -17.86
CA ARG A 120 -13.38 -23.43 -17.73
C ARG A 120 -13.77 -24.88 -17.45
N GLY A 121 -14.49 -25.11 -16.35
CA GLY A 121 -15.13 -26.38 -16.04
C GLY A 121 -16.65 -26.25 -16.11
N LYS A 122 -17.38 -27.38 -16.10
CA LYS A 122 -18.83 -27.35 -16.15
C LYS A 122 -19.45 -27.99 -14.91
N MET A 123 -20.73 -27.65 -14.71
CA MET A 123 -21.37 -27.71 -13.41
C MET A 123 -22.88 -27.71 -13.66
N VAL A 124 -23.65 -28.28 -12.73
CA VAL A 124 -25.10 -28.27 -12.83
C VAL A 124 -25.69 -27.86 -11.49
N SER A 125 -26.55 -26.84 -11.55
CA SER A 125 -27.42 -26.52 -10.43
C SER A 125 -28.79 -27.09 -10.73
N TYR A 126 -29.35 -27.82 -9.76
CA TYR A 126 -30.63 -28.47 -9.91
C TYR A 126 -31.51 -28.08 -8.72
N ILE A 127 -32.81 -27.97 -8.97
CA ILE A 127 -33.80 -27.95 -7.91
C ILE A 127 -34.74 -29.13 -8.16
N GLN A 128 -34.95 -29.95 -7.11
CA GLN A 128 -35.78 -31.15 -7.17
C GLN A 128 -36.83 -31.07 -6.08
N CYS A 129 -38.11 -30.97 -6.50
CA CYS A 129 -39.23 -30.90 -5.58
C CYS A 129 -39.37 -32.27 -4.91
N LYS A 130 -39.52 -32.28 -3.59
CA LYS A 130 -39.50 -33.55 -2.86
C LYS A 130 -40.78 -34.34 -3.11
N GLU A 131 -41.92 -33.63 -3.28
CA GLU A 131 -43.21 -34.30 -3.32
C GLU A 131 -43.77 -34.32 -4.73
N VAL A 132 -43.42 -33.32 -5.55
CA VAL A 132 -44.00 -33.21 -6.88
C VAL A 132 -42.94 -33.65 -7.90
N ASP A 133 -43.37 -34.03 -9.10
CA ASP A 133 -42.45 -34.12 -10.22
C ASP A 133 -42.32 -32.73 -10.82
N TYR A 134 -41.32 -31.98 -10.35
CA TYR A 134 -40.80 -30.86 -11.11
C TYR A 134 -39.32 -30.72 -10.76
N ARG A 135 -38.51 -30.57 -11.81
CA ARG A 135 -37.06 -30.50 -11.68
C ARG A 135 -36.51 -29.45 -12.65
N SER A 136 -35.79 -28.46 -12.11
CA SER A 136 -35.08 -27.49 -12.93
C SER A 136 -33.61 -27.89 -13.03
N ASP A 137 -33.08 -27.86 -14.26
CA ASP A 137 -31.70 -28.22 -14.53
C ASP A 137 -31.03 -27.13 -15.34
N ARG A 138 -29.95 -26.57 -14.78
CA ARG A 138 -29.16 -25.57 -15.49
C ARG A 138 -27.67 -25.90 -15.32
N ARG A 139 -27.01 -26.05 -16.46
CA ARG A 139 -25.59 -26.26 -16.53
C ARG A 139 -24.92 -24.89 -16.47
N GLU A 140 -23.80 -24.78 -15.76
CA GLU A 140 -23.09 -23.51 -15.63
C GLU A 140 -21.62 -23.71 -15.97
N ASP A 141 -21.02 -22.65 -16.54
CA ASP A 141 -19.59 -22.60 -16.72
C ASP A 141 -18.94 -21.96 -15.51
N TYR A 142 -17.69 -22.35 -15.21
CA TYR A 142 -16.98 -21.81 -14.05
C TYR A 142 -15.47 -21.83 -14.34
N TYR A 143 -14.80 -20.74 -13.97
CA TYR A 143 -13.38 -20.54 -14.23
C TYR A 143 -12.60 -20.59 -12.93
N ASP A 144 -13.32 -20.74 -11.81
CA ASP A 144 -12.75 -20.67 -10.48
C ASP A 144 -13.80 -21.18 -9.49
N ILE A 145 -13.35 -21.66 -8.33
CA ILE A 145 -14.27 -22.18 -7.33
C ILE A 145 -14.00 -21.57 -5.96
N GLN A 146 -15.08 -21.13 -5.30
CA GLN A 146 -14.98 -20.51 -3.99
C GLN A 146 -15.40 -21.55 -2.96
N LEU A 147 -14.49 -21.89 -2.03
CA LEU A 147 -14.71 -22.93 -1.03
C LEU A 147 -14.93 -22.32 0.34
N SER A 148 -15.87 -22.91 1.09
CA SER A 148 -16.10 -22.53 2.48
C SER A 148 -15.06 -23.23 3.34
N ILE A 149 -14.48 -22.53 4.33
CA ILE A 149 -13.50 -23.16 5.19
C ILE A 149 -13.91 -23.12 6.66
N LYS A 150 -14.55 -22.03 7.11
CA LYS A 150 -14.92 -21.90 8.51
C LYS A 150 -15.72 -23.15 8.89
N GLY A 151 -15.18 -23.96 9.81
CA GLY A 151 -15.85 -25.15 10.28
C GLY A 151 -15.72 -26.30 9.28
N LYS A 152 -14.68 -26.23 8.44
CA LYS A 152 -14.22 -27.36 7.66
C LYS A 152 -12.75 -27.57 8.00
N LYS A 153 -12.33 -28.84 8.12
CA LYS A 153 -10.95 -29.19 8.41
C LYS A 153 -10.09 -28.97 7.16
N ASN A 154 -10.56 -29.46 6.01
CA ASN A 154 -9.72 -29.59 4.83
C ASN A 154 -10.52 -29.43 3.53
N ILE A 155 -9.82 -29.62 2.40
CA ILE A 155 -10.36 -29.47 1.06
C ILE A 155 -11.54 -30.42 0.88
N PHE A 156 -11.41 -31.64 1.40
CA PHE A 156 -12.43 -32.64 1.17
C PHE A 156 -13.76 -32.17 1.76
N GLU A 157 -13.70 -31.68 3.00
CA GLU A 157 -14.85 -31.19 3.74
C GLU A 157 -15.49 -29.98 3.06
N SER A 158 -14.67 -29.13 2.43
CA SER A 158 -15.17 -27.98 1.69
C SER A 158 -15.87 -28.40 0.42
N PHE A 159 -15.27 -29.39 -0.27
CA PHE A 159 -15.84 -29.92 -1.49
C PHE A 159 -17.14 -30.63 -1.15
N VAL A 160 -17.13 -31.39 -0.05
CA VAL A 160 -18.35 -32.03 0.41
C VAL A 160 -19.45 -30.98 0.51
N ASP A 161 -19.21 -29.99 1.37
CA ASP A 161 -20.13 -28.89 1.56
C ASP A 161 -20.57 -28.32 0.22
N TYR A 162 -19.62 -28.22 -0.74
CA TYR A 162 -19.88 -27.48 -1.97
C TYR A 162 -21.01 -28.14 -2.77
N VAL A 163 -21.10 -29.48 -2.69
CA VAL A 163 -22.09 -30.23 -3.45
C VAL A 163 -23.26 -30.63 -2.54
N ALA A 164 -23.22 -30.12 -1.30
CA ALA A 164 -24.24 -30.42 -0.30
C ALA A 164 -25.61 -30.00 -0.79
N VAL A 165 -26.61 -30.81 -0.42
CA VAL A 165 -28.01 -30.53 -0.71
C VAL A 165 -28.57 -29.58 0.35
N GLU A 166 -29.27 -28.55 -0.12
CA GLU A 166 -29.97 -27.62 0.75
C GLU A 166 -31.47 -27.84 0.63
N GLN A 167 -32.18 -27.76 1.76
CA GLN A 167 -33.62 -27.97 1.81
C GLN A 167 -34.34 -26.63 1.76
N LEU A 168 -35.34 -26.52 0.88
CA LEU A 168 -36.12 -25.30 0.75
C LEU A 168 -37.47 -25.49 1.45
N ASP A 169 -37.57 -25.04 2.70
CA ASP A 169 -38.74 -25.26 3.54
C ASP A 169 -39.46 -23.94 3.83
N GLY A 170 -40.17 -23.85 4.96
CA GLY A 170 -40.93 -22.67 5.33
C GLY A 170 -40.12 -21.40 5.07
N ASP A 171 -40.78 -20.37 4.49
CA ASP A 171 -40.12 -19.12 4.15
C ASP A 171 -39.23 -19.25 2.91
N ASN A 172 -38.34 -20.26 2.91
CA ASN A 172 -37.43 -20.50 1.79
C ASN A 172 -38.08 -21.44 0.78
N LYS A 173 -39.38 -21.69 0.93
CA LYS A 173 -40.10 -22.62 0.06
C LYS A 173 -39.88 -22.24 -1.41
N TYR A 174 -39.53 -23.23 -2.24
CA TYR A 174 -39.30 -23.04 -3.66
C TYR A 174 -40.58 -22.61 -4.37
N ASP A 175 -40.54 -21.50 -5.11
CA ASP A 175 -41.65 -21.17 -5.98
C ASP A 175 -41.58 -22.03 -7.24
N ALA A 176 -42.39 -23.09 -7.27
CA ALA A 176 -42.36 -24.06 -8.35
C ALA A 176 -43.36 -23.68 -9.44
N GLY A 177 -43.68 -22.38 -9.55
CA GLY A 177 -44.44 -21.87 -10.69
C GLY A 177 -45.90 -22.31 -10.63
N GLU A 178 -46.25 -23.25 -11.52
CA GLU A 178 -47.62 -23.77 -11.63
C GLU A 178 -47.97 -24.58 -10.38
N HIS A 179 -46.98 -25.23 -9.77
CA HIS A 179 -47.18 -26.05 -8.59
C HIS A 179 -46.98 -25.26 -7.30
N GLY A 180 -47.18 -23.94 -7.33
CA GLY A 180 -47.13 -23.11 -6.12
C GLY A 180 -45.79 -23.22 -5.38
N LEU A 181 -45.84 -22.96 -4.07
CA LEU A 181 -44.67 -23.15 -3.22
C LEU A 181 -44.49 -24.64 -2.93
N GLN A 182 -43.23 -25.04 -2.71
CA GLN A 182 -42.87 -26.43 -2.55
C GLN A 182 -41.71 -26.56 -1.57
N GLU A 183 -41.81 -27.57 -0.69
CA GLU A 183 -40.63 -28.20 -0.12
C GLU A 183 -39.89 -28.84 -1.30
N ALA A 184 -38.64 -28.41 -1.46
CA ALA A 184 -37.80 -28.85 -2.56
C ALA A 184 -36.33 -28.72 -2.12
N GLU A 185 -35.44 -29.42 -2.83
CA GLU A 185 -34.04 -29.44 -2.43
C GLU A 185 -33.19 -28.93 -3.59
N LYS A 186 -32.21 -28.08 -3.25
CA LYS A 186 -31.29 -27.51 -4.22
C LYS A 186 -29.89 -28.04 -3.96
N GLY A 187 -29.17 -28.35 -5.04
CA GLY A 187 -27.76 -28.72 -4.93
C GLY A 187 -27.01 -28.35 -6.19
N VAL A 188 -25.67 -28.44 -6.09
CA VAL A 188 -24.78 -28.25 -7.22
C VAL A 188 -23.94 -29.51 -7.39
N LYS A 189 -23.60 -29.86 -8.63
CA LYS A 189 -22.74 -31.00 -8.92
C LYS A 189 -21.89 -30.75 -10.16
N PHE A 190 -20.71 -31.37 -10.18
CA PHE A 190 -19.63 -31.08 -11.11
C PHE A 190 -19.67 -32.01 -12.33
N LEU A 191 -19.78 -31.42 -13.52
CA LEU A 191 -19.75 -32.20 -14.76
C LEU A 191 -18.30 -32.43 -15.15
N THR A 192 -17.53 -31.34 -15.26
CA THR A 192 -16.10 -31.42 -15.55
C THR A 192 -15.29 -30.59 -14.55
N LEU A 193 -14.01 -30.93 -14.47
CA LEU A 193 -12.97 -30.06 -13.93
C LEU A 193 -11.99 -29.71 -15.05
N PRO A 194 -11.40 -28.49 -15.05
CA PRO A 194 -10.54 -28.09 -16.15
C PRO A 194 -9.10 -28.54 -15.90
N PRO A 195 -8.17 -28.34 -16.86
CA PRO A 195 -6.76 -28.68 -16.66
C PRO A 195 -6.15 -27.93 -15.49
N VAL A 196 -6.54 -26.65 -15.35
CA VAL A 196 -6.04 -25.81 -14.28
C VAL A 196 -7.19 -25.37 -13.36
N LEU A 197 -6.98 -25.60 -12.06
CA LEU A 197 -8.03 -25.47 -11.06
C LEU A 197 -7.70 -24.31 -10.13
N HIS A 198 -8.44 -23.20 -10.25
CA HIS A 198 -8.27 -22.12 -9.30
C HIS A 198 -9.30 -22.26 -8.19
N LEU A 199 -8.80 -22.51 -6.98
CA LEU A 199 -9.62 -22.54 -5.78
C LEU A 199 -9.30 -21.33 -4.91
N GLN A 200 -10.35 -20.60 -4.51
CA GLN A 200 -10.23 -19.56 -3.51
C GLN A 200 -10.88 -20.01 -2.21
N LEU A 201 -10.21 -19.74 -1.09
CA LEU A 201 -10.69 -20.11 0.24
C LEU A 201 -11.38 -18.93 0.90
N MET A 202 -12.60 -19.15 1.40
CA MET A 202 -13.44 -18.04 1.83
C MET A 202 -13.06 -17.63 3.25
N ARG A 203 -11.97 -16.87 3.41
CA ARG A 203 -11.43 -16.54 4.73
C ARG A 203 -11.94 -15.18 5.22
N ALA A 204 -12.36 -14.30 4.31
CA ALA A 204 -13.07 -13.08 4.69
C ALA A 204 -14.55 -13.41 4.83
N MET A 205 -15.24 -12.79 5.81
CA MET A 205 -16.68 -12.96 5.92
C MET A 205 -17.30 -11.68 6.46
N TYR A 206 -18.65 -11.62 6.47
CA TYR A 206 -19.38 -10.41 6.80
C TYR A 206 -19.29 -10.14 8.29
N ASP A 207 -19.14 -8.86 8.66
CA ASP A 207 -19.14 -8.46 10.05
C ASP A 207 -20.44 -7.72 10.35
N PRO A 208 -21.37 -8.30 11.14
CA PRO A 208 -22.59 -7.59 11.55
C PRO A 208 -22.22 -6.69 12.71
N GLN A 209 -20.93 -6.61 13.03
CA GLN A 209 -20.46 -5.79 14.14
C GLN A 209 -19.47 -4.74 13.62
N THR A 210 -18.24 -5.17 13.33
CA THR A 210 -17.20 -4.25 12.89
C THR A 210 -17.46 -3.82 11.46
N ASP A 211 -18.45 -4.46 10.80
CA ASP A 211 -18.89 -4.08 9.45
C ASP A 211 -17.76 -4.07 8.42
N GLN A 212 -16.62 -4.69 8.73
CA GLN A 212 -15.55 -4.85 7.76
C GLN A 212 -15.42 -6.35 7.44
N ASN A 213 -14.51 -6.69 6.52
CA ASN A 213 -14.24 -8.09 6.20
C ASN A 213 -13.25 -8.63 7.23
N ILE A 214 -13.73 -9.57 8.08
CA ILE A 214 -12.92 -10.20 9.12
C ILE A 214 -12.26 -11.46 8.56
N LYS A 215 -10.97 -11.64 8.87
CA LYS A 215 -10.18 -12.73 8.31
C LYS A 215 -10.18 -13.92 9.27
N ILE A 216 -10.50 -15.11 8.75
CA ILE A 216 -10.52 -16.32 9.56
C ILE A 216 -9.18 -17.03 9.46
N ASN A 217 -8.33 -16.93 10.50
CA ASN A 217 -6.99 -17.48 10.45
C ASN A 217 -6.98 -18.98 10.78
N ASP A 218 -8.17 -19.57 10.93
CA ASP A 218 -8.31 -20.97 11.31
C ASP A 218 -7.43 -21.86 10.45
N ARG A 219 -7.02 -22.99 11.02
CA ARG A 219 -6.31 -24.01 10.26
C ARG A 219 -7.22 -24.51 9.14
N PHE A 220 -6.69 -24.61 7.93
CA PHE A 220 -7.35 -25.31 6.84
C PHE A 220 -6.30 -26.10 6.07
N GLU A 221 -6.61 -27.37 5.81
CA GLU A 221 -5.66 -28.36 5.36
C GLU A 221 -5.90 -28.69 3.89
N PHE A 222 -4.83 -28.80 3.12
CA PHE A 222 -4.95 -29.10 1.71
C PHE A 222 -3.78 -29.97 1.32
N PRO A 223 -4.04 -30.98 0.45
CA PRO A 223 -3.02 -31.96 0.10
C PRO A 223 -2.17 -31.58 -1.10
N GLU A 224 -0.98 -32.19 -1.19
CA GLU A 224 -0.12 -32.02 -2.35
C GLU A 224 -0.77 -32.65 -3.58
N GLN A 225 -1.40 -33.80 -3.38
CA GLN A 225 -2.18 -34.43 -4.43
C GLN A 225 -3.64 -34.42 -4.02
N LEU A 226 -4.51 -34.24 -5.01
CA LEU A 226 -5.94 -34.03 -4.78
C LEU A 226 -6.75 -34.85 -5.78
N PRO A 227 -7.45 -35.92 -5.31
CA PRO A 227 -8.36 -36.69 -6.15
C PRO A 227 -9.78 -36.15 -6.12
N LEU A 228 -10.42 -36.05 -7.30
CA LEU A 228 -11.75 -35.44 -7.37
C LEU A 228 -12.74 -36.27 -8.21
N ASP A 229 -12.33 -37.44 -8.71
CA ASP A 229 -13.22 -38.28 -9.50
C ASP A 229 -14.53 -38.55 -8.77
N GLU A 230 -14.47 -38.71 -7.44
CA GLU A 230 -15.65 -39.07 -6.66
C GLU A 230 -16.63 -37.89 -6.50
N PHE A 231 -16.29 -36.72 -7.07
CA PHE A 231 -17.18 -35.58 -7.08
C PHE A 231 -17.75 -35.37 -8.47
N LEU A 232 -17.29 -36.16 -9.45
CA LEU A 232 -17.84 -36.08 -10.77
C LEU A 232 -19.16 -36.85 -10.81
N GLN A 233 -19.94 -36.61 -11.87
CA GLN A 233 -21.07 -37.46 -12.21
C GLN A 233 -20.51 -38.73 -12.83
N LYS A 234 -20.01 -38.60 -14.05
CA LYS A 234 -19.32 -39.69 -14.72
C LYS A 234 -17.84 -39.54 -14.42
N THR A 235 -17.18 -40.63 -14.01
CA THR A 235 -15.72 -40.64 -13.99
C THR A 235 -15.23 -41.17 -15.34
N ASP A 236 -13.92 -41.05 -15.55
CA ASP A 236 -13.29 -41.50 -16.77
C ASP A 236 -12.04 -42.28 -16.39
N PRO A 237 -11.96 -43.57 -16.79
CA PRO A 237 -10.72 -44.35 -16.65
C PRO A 237 -9.54 -43.80 -17.46
N LYS A 238 -9.84 -43.25 -18.65
CA LYS A 238 -8.84 -42.83 -19.61
C LYS A 238 -8.02 -41.65 -19.07
N ASP A 239 -8.65 -40.83 -18.21
CA ASP A 239 -8.06 -39.63 -17.66
C ASP A 239 -8.83 -39.28 -16.39
N PRO A 240 -8.38 -39.74 -15.19
CA PRO A 240 -9.07 -39.43 -13.94
C PRO A 240 -8.81 -37.98 -13.50
N ALA A 241 -9.61 -37.51 -12.54
CA ALA A 241 -9.54 -36.15 -12.02
C ALA A 241 -8.64 -36.12 -10.78
N ASN A 242 -7.34 -36.32 -11.03
CA ASN A 242 -6.31 -36.23 -9.99
C ASN A 242 -5.49 -34.98 -10.23
N TYR A 243 -5.30 -34.19 -9.16
CA TYR A 243 -4.80 -32.84 -9.29
C TYR A 243 -3.50 -32.69 -8.51
N ILE A 244 -2.61 -31.87 -9.05
CA ILE A 244 -1.27 -31.69 -8.55
C ILE A 244 -1.11 -30.25 -8.10
N LEU A 245 -0.58 -30.06 -6.89
CA LEU A 245 -0.51 -28.74 -6.30
C LEU A 245 0.61 -27.95 -6.96
N HIS A 246 0.25 -26.79 -7.52
CA HIS A 246 1.17 -25.98 -8.32
C HIS A 246 1.61 -24.73 -7.55
N ALA A 247 0.71 -24.17 -6.74
CA ALA A 247 0.89 -22.82 -6.23
C ALA A 247 -0.01 -22.58 -5.03
N VAL A 248 0.55 -21.88 -4.03
CA VAL A 248 -0.15 -21.54 -2.80
C VAL A 248 -0.02 -20.04 -2.59
N LEU A 249 -1.13 -19.30 -2.74
CA LEU A 249 -1.10 -17.86 -2.58
C LEU A 249 -1.37 -17.59 -1.10
N VAL A 250 -0.50 -16.81 -0.46
CA VAL A 250 -0.50 -16.72 0.97
C VAL A 250 -0.65 -15.27 1.38
N HIS A 251 -1.18 -15.08 2.58
CA HIS A 251 -1.31 -13.78 3.20
C HIS A 251 -1.16 -13.95 4.69
N SER A 252 -0.51 -12.98 5.35
CA SER A 252 -0.38 -13.03 6.80
C SER A 252 -0.90 -11.72 7.38
N GLY A 253 -1.45 -11.79 8.59
CA GLY A 253 -1.92 -10.61 9.30
C GLY A 253 -3.43 -10.45 9.19
N ASP A 254 -3.87 -9.25 8.76
CA ASP A 254 -5.29 -8.87 8.68
C ASP A 254 -5.46 -7.57 7.88
N GLY A 258 -1.52 -6.44 6.23
CA GLY A 258 -1.44 -7.66 5.40
C GLY A 258 -0.19 -7.68 4.52
N HIS A 259 0.51 -8.82 4.52
CA HIS A 259 1.58 -9.09 3.58
C HIS A 259 1.20 -10.29 2.71
N TYR A 260 1.51 -10.17 1.41
CA TYR A 260 1.11 -11.13 0.42
C TYR A 260 2.34 -11.85 -0.13
N VAL A 261 2.22 -13.15 -0.36
CA VAL A 261 3.32 -14.00 -0.76
C VAL A 261 2.75 -15.19 -1.52
N VAL A 262 3.59 -15.84 -2.35
CA VAL A 262 3.17 -17.02 -3.09
C VAL A 262 4.31 -18.02 -3.19
N TYR A 263 4.00 -19.28 -2.89
CA TYR A 263 4.92 -20.39 -3.10
C TYR A 263 4.53 -21.12 -4.38
N LEU A 264 5.51 -21.37 -5.25
CA LEU A 264 5.29 -22.16 -6.45
C LEU A 264 6.32 -23.28 -6.55
N ASN A 265 5.95 -24.33 -7.28
CA ASN A 265 6.90 -25.29 -7.82
C ASN A 265 6.65 -25.28 -9.32
N PRO A 266 7.28 -24.33 -10.06
CA PRO A 266 6.90 -24.03 -11.45
C PRO A 266 6.81 -25.18 -12.44
N LYS A 267 7.61 -26.22 -12.23
CA LYS A 267 7.56 -27.37 -13.12
C LYS A 267 6.70 -28.48 -12.54
N GLY A 268 6.00 -28.22 -11.42
CA GLY A 268 5.13 -29.20 -10.81
C GLY A 268 5.88 -30.38 -10.21
N ASP A 269 7.17 -30.18 -9.91
CA ASP A 269 8.11 -31.27 -9.66
C ASP A 269 8.46 -31.35 -8.18
N GLY A 270 7.75 -30.59 -7.34
CA GLY A 270 7.99 -30.58 -5.91
C GLY A 270 9.23 -29.78 -5.53
N LYS A 271 9.74 -28.99 -6.48
CA LYS A 271 10.87 -28.12 -6.18
C LYS A 271 10.34 -26.71 -5.96
N TRP A 272 10.07 -26.38 -4.68
CA TRP A 272 9.28 -25.21 -4.33
C TRP A 272 10.17 -23.98 -4.21
N CYS A 273 9.62 -22.83 -4.61
CA CYS A 273 10.20 -21.54 -4.30
C CYS A 273 9.18 -20.68 -3.56
N LYS A 274 9.71 -19.73 -2.78
CA LYS A 274 8.93 -18.65 -2.19
C LYS A 274 9.15 -17.38 -2.99
N PHE A 275 8.06 -16.75 -3.45
CA PHE A 275 8.12 -15.53 -4.24
C PHE A 275 7.53 -14.36 -3.45
N ASP A 276 8.41 -13.59 -2.80
CA ASP A 276 8.00 -12.42 -2.03
C ASP A 276 8.55 -11.16 -2.70
N ASP A 277 7.77 -10.65 -3.66
CA ASP A 277 8.03 -9.38 -4.34
C ASP A 277 9.33 -9.49 -5.14
N ASP A 278 10.42 -8.87 -4.66
CA ASP A 278 11.66 -8.84 -5.44
C ASP A 278 12.50 -10.08 -5.13
N VAL A 279 12.16 -10.76 -4.03
CA VAL A 279 13.01 -11.77 -3.41
C VAL A 279 12.41 -13.16 -3.67
N VAL A 280 13.10 -13.95 -4.49
CA VAL A 280 12.68 -15.31 -4.75
C VAL A 280 13.70 -16.27 -4.15
N SER A 281 13.26 -17.10 -3.21
CA SER A 281 14.15 -18.11 -2.63
C SER A 281 13.57 -19.50 -2.85
N ARG A 282 14.47 -20.49 -2.98
CA ARG A 282 14.08 -21.90 -2.95
C ARG A 282 13.58 -22.18 -1.54
N CYS A 283 12.65 -23.11 -1.40
CA CYS A 283 12.04 -23.43 -0.11
C CYS A 283 11.63 -24.89 -0.02
N THR A 284 11.36 -25.34 1.21
CA THR A 284 10.98 -26.71 1.49
C THR A 284 9.50 -26.91 1.15
N LYS A 285 9.14 -28.15 0.85
CA LYS A 285 7.75 -28.52 0.65
C LYS A 285 6.93 -28.12 1.87
N GLU A 286 7.52 -28.32 3.05
CA GLU A 286 6.82 -28.07 4.29
C GLU A 286 6.46 -26.58 4.34
N GLU A 287 7.42 -25.72 4.00
CA GLU A 287 7.22 -24.30 4.09
C GLU A 287 6.08 -23.87 3.16
N ALA A 288 5.98 -24.53 2.01
CA ALA A 288 5.02 -24.19 0.98
C ALA A 288 3.62 -24.64 1.36
N ILE A 289 3.50 -25.89 1.86
CA ILE A 289 2.20 -26.53 2.05
C ILE A 289 1.73 -26.39 3.49
N GLU A 290 2.17 -27.34 4.34
CA GLU A 290 1.64 -27.51 5.68
C GLU A 290 1.85 -26.22 6.48
N HIS A 291 3.00 -25.53 6.26
CA HIS A 291 3.31 -24.34 7.03
C HIS A 291 2.25 -23.26 6.80
N ASN A 292 1.45 -23.40 5.75
CA ASN A 292 0.46 -22.39 5.42
C ASN A 292 -0.97 -22.91 5.62
N TYR A 293 -1.14 -23.98 6.40
CA TYR A 293 -2.48 -24.41 6.76
C TYR A 293 -3.13 -23.40 7.69
N GLY A 294 -2.33 -22.66 8.47
CA GLY A 294 -2.82 -21.55 9.28
C GLY A 294 -2.90 -21.93 10.76
N GLY A 295 -3.55 -21.07 11.55
CA GLY A 295 -3.75 -21.29 12.97
C GLY A 295 -2.61 -20.75 13.80
N CYS A 305 -1.64 -13.79 11.63
CA CYS A 305 -1.33 -15.20 11.25
C CYS A 305 -1.15 -15.33 9.74
N THR A 306 -0.33 -16.32 9.34
CA THR A 306 0.02 -16.59 7.94
C THR A 306 -0.72 -17.84 7.47
N ASN A 307 -1.28 -17.78 6.26
CA ASN A 307 -2.04 -18.90 5.71
C ASN A 307 -2.49 -18.62 4.28
N ALA A 308 -2.73 -19.71 3.55
CA ALA A 308 -3.24 -19.65 2.19
C ALA A 308 -4.58 -18.93 2.14
N TYR A 309 -4.89 -18.35 0.98
CA TYR A 309 -6.23 -17.88 0.67
C TYR A 309 -6.63 -18.34 -0.72
N MET A 310 -5.67 -18.83 -1.51
CA MET A 310 -5.98 -19.36 -2.83
C MET A 310 -4.96 -20.42 -3.20
N LEU A 311 -5.45 -21.46 -3.89
CA LEU A 311 -4.63 -22.58 -4.32
C LEU A 311 -4.77 -22.75 -5.81
N VAL A 312 -3.76 -23.39 -6.42
CA VAL A 312 -3.80 -23.73 -7.83
C VAL A 312 -3.36 -25.18 -7.97
N TYR A 313 -4.24 -26.00 -8.56
CA TYR A 313 -3.94 -27.39 -8.87
C TYR A 313 -3.95 -27.56 -10.38
N ILE A 314 -3.07 -28.45 -10.87
CA ILE A 314 -3.12 -28.88 -12.26
C ILE A 314 -3.48 -30.37 -12.32
N ARG A 315 -4.28 -30.71 -13.33
CA ARG A 315 -4.71 -32.07 -13.58
C ARG A 315 -3.51 -32.85 -14.12
N GLU A 316 -3.14 -33.90 -13.37
CA GLU A 316 -1.92 -34.65 -13.60
C GLU A 316 -1.71 -34.94 -15.10
N SER A 317 -2.76 -35.44 -15.74
CA SER A 317 -2.73 -35.80 -17.15
C SER A 317 -2.26 -34.65 -18.04
N LYS A 318 -2.41 -33.40 -17.58
CA LYS A 318 -2.32 -32.23 -18.44
C LYS A 318 -1.06 -31.39 -18.13
N LEU A 319 -0.35 -31.70 -17.03
CA LEU A 319 0.84 -31.00 -16.58
C LEU A 319 1.80 -30.62 -17.71
N SER A 320 2.05 -31.57 -18.60
CA SER A 320 3.15 -31.46 -19.55
C SER A 320 2.81 -30.54 -20.71
N GLU A 321 1.51 -30.40 -21.00
CA GLU A 321 1.09 -29.46 -22.02
C GLU A 321 1.01 -28.08 -21.39
N VAL A 322 0.40 -28.03 -20.20
CA VAL A 322 0.23 -26.80 -19.43
C VAL A 322 1.59 -26.15 -19.15
N LEU A 323 2.51 -26.97 -18.62
CA LEU A 323 3.84 -26.50 -18.25
C LEU A 323 4.84 -26.82 -19.38
N GLN A 324 4.38 -26.77 -20.63
CA GLN A 324 5.27 -26.94 -21.77
C GLN A 324 6.34 -25.86 -21.72
N ALA A 325 7.56 -26.24 -22.12
CA ALA A 325 8.73 -25.39 -22.00
C ALA A 325 8.55 -24.17 -22.89
N VAL A 326 9.14 -23.05 -22.46
CA VAL A 326 9.04 -21.80 -23.19
C VAL A 326 10.46 -21.31 -23.47
N THR A 327 10.73 -21.03 -24.74
CA THR A 327 12.03 -20.55 -25.16
C THR A 327 11.91 -19.07 -25.48
N ASP A 328 13.03 -18.40 -25.77
CA ASP A 328 13.02 -16.98 -26.09
C ASP A 328 12.50 -16.76 -27.51
N HIS A 329 12.47 -17.82 -28.32
CA HIS A 329 12.00 -17.77 -29.69
C HIS A 329 10.49 -18.02 -29.74
N ASP A 330 9.89 -18.20 -28.56
CA ASP A 330 8.44 -18.30 -28.42
C ASP A 330 7.84 -16.91 -28.30
N ILE A 331 8.68 -15.87 -28.27
CA ILE A 331 8.19 -14.52 -28.43
C ILE A 331 8.41 -14.12 -29.89
N PRO A 332 7.33 -13.75 -30.62
CA PRO A 332 7.47 -13.09 -31.93
C PRO A 332 8.53 -12.00 -31.87
N GLN A 333 9.39 -11.96 -32.89
CA GLN A 333 10.50 -11.04 -32.88
C GLN A 333 9.97 -9.61 -33.08
N GLN A 334 8.86 -9.49 -33.82
CA GLN A 334 8.12 -8.23 -33.93
C GLN A 334 7.92 -7.64 -32.54
N LEU A 335 7.34 -8.45 -31.66
CA LEU A 335 7.01 -8.04 -30.30
C LEU A 335 8.29 -7.63 -29.58
N VAL A 336 9.32 -8.46 -29.72
CA VAL A 336 10.58 -8.21 -29.04
C VAL A 336 11.06 -6.81 -29.47
N GLU A 337 11.17 -6.62 -30.79
CA GLU A 337 11.59 -5.36 -31.35
C GLU A 337 10.92 -4.20 -30.62
N ARG A 338 9.58 -4.17 -30.63
CA ARG A 338 8.81 -3.06 -30.09
C ARG A 338 9.20 -2.77 -28.63
N LEU A 339 9.32 -3.83 -27.82
CA LEU A 339 9.54 -3.68 -26.39
C LEU A 339 10.93 -3.14 -26.12
N GLN A 340 11.89 -3.56 -26.96
CA GLN A 340 13.29 -3.18 -26.82
C GLN A 340 13.44 -1.70 -27.10
N GLU A 341 12.85 -1.27 -28.23
CA GLU A 341 12.81 0.14 -28.59
C GLU A 341 12.21 0.92 -27.43
N GLU A 342 11.04 0.46 -26.98
CA GLU A 342 10.24 1.14 -25.98
C GLU A 342 11.04 1.33 -24.70
N LYS A 343 11.78 0.27 -24.32
CA LYS A 343 12.60 0.30 -23.12
C LYS A 343 13.73 1.29 -23.30
N ARG A 344 14.36 1.26 -24.48
CA ARG A 344 15.50 2.11 -24.79
C ARG A 344 15.10 3.58 -24.67
N ILE A 345 14.03 3.96 -25.39
CA ILE A 345 13.64 5.36 -25.49
C ILE A 345 13.50 5.96 -24.09
N GLU A 346 13.20 5.12 -23.09
CA GLU A 346 13.19 5.56 -21.71
C GLU A 346 14.60 5.92 -21.26
N ALA A 347 14.99 7.19 -21.48
CA ALA A 347 16.30 7.68 -21.06
C ALA A 347 16.17 8.95 -20.22
N GLN A 348 16.28 8.80 -18.89
CA GLN A 348 16.22 9.93 -17.97
C GLN A 348 17.58 10.62 -17.91
N LYS A 349 17.56 11.96 -17.95
CA LYS A 349 18.74 12.77 -17.70
C LYS A 349 19.09 12.68 -16.21
N THR B 6 -8.02 3.59 23.11
CA THR B 6 -7.01 4.68 23.03
C THR B 6 -7.67 6.03 23.34
N GLY B 7 -8.94 6.19 22.95
CA GLY B 7 -9.65 7.46 23.07
C GLY B 7 -9.36 8.37 21.88
N TYR B 8 -8.60 7.85 20.91
CA TYR B 8 -8.21 8.57 19.71
C TYR B 8 -8.75 7.83 18.48
N VAL B 9 -9.14 8.58 17.44
CA VAL B 9 -9.76 8.00 16.26
C VAL B 9 -8.76 8.06 15.11
N GLY B 10 -8.91 7.13 14.15
CA GLY B 10 -8.06 7.12 12.97
C GLY B 10 -8.65 7.93 11.81
N LEU B 11 -7.88 7.98 10.71
CA LEU B 11 -8.30 8.53 9.43
C LEU B 11 -8.51 7.39 8.45
N LYS B 12 -9.52 7.51 7.59
CA LYS B 12 -9.79 6.48 6.60
C LYS B 12 -8.69 6.48 5.56
N ASN B 13 -8.56 5.36 4.84
CA ASN B 13 -7.63 5.27 3.73
C ASN B 13 -8.44 5.30 2.44
N GLN B 14 -8.22 6.34 1.62
CA GLN B 14 -9.13 6.69 0.55
C GLN B 14 -8.38 6.78 -0.79
N GLY B 15 -7.72 7.91 -1.04
CA GLY B 15 -6.92 8.06 -2.24
C GLY B 15 -5.44 7.75 -1.96
N ALA B 16 -4.59 7.97 -2.97
CA ALA B 16 -3.18 7.64 -2.91
C ALA B 16 -2.41 8.69 -2.12
N THR B 17 -2.77 8.88 -0.85
CA THR B 17 -2.30 10.02 -0.04
C THR B 17 -0.97 9.70 0.63
N CYS B 18 -0.73 8.43 0.96
CA CYS B 18 0.56 8.01 1.48
C CYS B 18 0.76 8.51 2.91
N TYR B 19 1.60 9.54 3.09
CA TYR B 19 2.04 10.02 4.40
C TYR B 19 1.02 10.98 5.04
N MET B 20 0.16 11.55 4.21
CA MET B 20 -0.77 12.56 4.67
C MET B 20 -1.43 12.11 5.97
N ASN B 21 -2.01 10.91 5.98
CA ASN B 21 -2.70 10.47 7.18
C ASN B 21 -1.78 10.60 8.38
N SER B 22 -0.51 10.21 8.22
CA SER B 22 0.47 10.27 9.30
C SER B 22 0.68 11.72 9.76
N LEU B 23 0.89 12.62 8.79
CA LEU B 23 1.24 14.02 9.05
C LEU B 23 0.06 14.73 9.71
N LEU B 24 -1.17 14.39 9.28
CA LEU B 24 -2.34 15.05 9.80
C LEU B 24 -2.39 14.87 11.31
N GLN B 25 -2.17 13.63 11.77
CA GLN B 25 -2.27 13.29 13.18
C GLN B 25 -1.23 14.11 13.96
N THR B 26 0.01 14.06 13.49
CA THR B 26 1.09 14.86 14.05
C THR B 26 0.59 16.27 14.37
N LEU B 27 0.06 16.94 13.33
CA LEU B 27 -0.30 18.33 13.42
C LEU B 27 -1.48 18.51 14.35
N PHE B 28 -2.42 17.57 14.31
CA PHE B 28 -3.60 17.67 15.15
C PHE B 28 -3.19 17.65 16.61
N PHE B 29 -2.21 16.78 16.93
CA PHE B 29 -1.80 16.63 18.32
C PHE B 29 -0.85 17.75 18.75
N THR B 30 -0.39 18.57 17.79
CA THR B 30 0.20 19.86 18.11
C THR B 30 -0.95 20.80 18.49
N ASN B 31 -1.36 20.69 19.76
CA ASN B 31 -2.58 21.29 20.27
C ASN B 31 -2.57 22.80 20.04
N GLN B 32 -1.43 23.44 20.30
CA GLN B 32 -1.32 24.87 20.11
C GLN B 32 -1.53 25.25 18.65
N LEU B 33 -1.22 24.33 17.72
CA LEU B 33 -1.57 24.54 16.31
C LEU B 33 -3.05 24.24 16.05
N ARG B 34 -3.62 23.27 16.78
CA ARG B 34 -5.02 22.95 16.58
C ARG B 34 -5.89 24.18 16.87
N LYS B 35 -5.77 24.69 18.11
CA LYS B 35 -6.67 25.73 18.61
C LYS B 35 -6.62 26.91 17.66
N ALA B 36 -5.41 27.30 17.26
CA ALA B 36 -5.24 28.47 16.41
C ALA B 36 -5.99 28.30 15.09
N VAL B 37 -6.10 27.04 14.62
CA VAL B 37 -6.73 26.72 13.36
C VAL B 37 -8.24 26.87 13.49
N TYR B 38 -8.79 26.31 14.57
CA TYR B 38 -10.18 26.53 14.94
C TYR B 38 -10.55 28.03 14.95
N MET B 39 -9.62 28.91 15.36
CA MET B 39 -9.93 30.31 15.55
C MET B 39 -10.12 31.05 14.23
N MET B 40 -9.59 30.49 13.13
CA MET B 40 -9.52 31.21 11.87
C MET B 40 -10.93 31.63 11.40
N PRO B 41 -11.06 32.80 10.72
CA PRO B 41 -12.37 33.31 10.29
C PRO B 41 -12.86 32.76 8.96
N THR B 42 -13.33 31.50 8.98
CA THR B 42 -13.67 30.80 7.75
C THR B 42 -15.16 30.68 7.56
N GLU B 43 -15.97 31.25 8.47
CA GLU B 43 -17.41 31.26 8.25
C GLU B 43 -17.67 31.65 6.79
N GLY B 44 -17.08 32.77 6.36
CA GLY B 44 -17.23 33.25 5.00
C GLY B 44 -16.19 32.66 4.07
N ASP B 45 -16.03 31.33 4.11
CA ASP B 45 -15.11 30.65 3.21
C ASP B 45 -15.86 29.59 2.40
N ASP B 46 -15.33 29.30 1.21
CA ASP B 46 -15.95 28.36 0.31
C ASP B 46 -15.93 26.97 0.94
N SER B 47 -17.05 26.26 0.80
CA SER B 47 -17.28 25.04 1.54
C SER B 47 -16.30 23.94 1.10
N SER B 48 -15.89 23.95 -0.18
CA SER B 48 -15.20 22.79 -0.76
C SER B 48 -13.81 23.15 -1.31
N LYS B 49 -13.56 24.45 -1.57
CA LYS B 49 -12.31 24.89 -2.17
C LYS B 49 -11.56 25.81 -1.21
N SER B 50 -11.99 25.85 0.07
CA SER B 50 -11.21 26.47 1.13
C SER B 50 -10.40 25.39 1.85
N VAL B 51 -9.07 25.56 1.88
CA VAL B 51 -8.19 24.63 2.55
C VAL B 51 -8.34 24.80 4.07
N PRO B 52 -8.10 26.01 4.63
CA PRO B 52 -8.21 26.23 6.08
C PRO B 52 -9.49 25.63 6.68
N LEU B 53 -10.64 25.86 6.03
CA LEU B 53 -11.91 25.31 6.48
C LEU B 53 -11.80 23.78 6.50
N ALA B 54 -11.27 23.23 5.40
CA ALA B 54 -11.24 21.79 5.18
C ALA B 54 -10.47 21.09 6.30
N LEU B 55 -9.49 21.82 6.86
CA LEU B 55 -8.64 21.34 7.93
C LEU B 55 -9.39 21.42 9.26
N GLN B 56 -10.03 22.57 9.53
CA GLN B 56 -10.90 22.73 10.69
C GLN B 56 -11.86 21.55 10.77
N ARG B 57 -12.44 21.16 9.62
CA ARG B 57 -13.41 20.08 9.54
C ARG B 57 -12.79 18.76 9.98
N VAL B 58 -11.59 18.50 9.49
CA VAL B 58 -10.91 17.26 9.78
C VAL B 58 -10.51 17.27 11.25
N PHE B 59 -10.04 18.41 11.76
CA PHE B 59 -9.65 18.51 13.15
C PHE B 59 -10.88 18.27 14.04
N TYR B 60 -11.94 19.06 13.81
CA TYR B 60 -13.17 18.92 14.57
C TYR B 60 -13.50 17.44 14.69
N GLU B 61 -13.47 16.75 13.53
CA GLU B 61 -13.91 15.37 13.39
C GLU B 61 -12.93 14.39 14.03
N LEU B 62 -11.65 14.72 14.06
CA LEU B 62 -10.69 13.93 14.81
C LEU B 62 -11.01 14.04 16.29
N GLN B 63 -11.46 15.23 16.73
CA GLN B 63 -11.68 15.51 18.14
C GLN B 63 -12.95 14.83 18.66
N HIS B 64 -13.99 14.72 17.83
CA HIS B 64 -15.29 14.30 18.30
C HIS B 64 -15.68 12.91 17.80
N SER B 65 -15.40 12.61 16.52
CA SER B 65 -15.90 11.40 15.88
C SER B 65 -15.46 10.15 16.65
N ASP B 66 -16.29 9.10 16.55
CA ASP B 66 -15.98 7.76 17.05
C ASP B 66 -15.51 6.87 15.91
N LYS B 67 -15.78 7.29 14.66
CA LYS B 67 -15.53 6.44 13.50
C LYS B 67 -14.47 7.09 12.62
N PRO B 68 -13.66 6.28 11.90
CA PRO B 68 -12.58 6.81 11.05
C PRO B 68 -12.95 8.09 10.32
N VAL B 69 -12.02 9.05 10.27
CA VAL B 69 -12.30 10.36 9.70
C VAL B 69 -11.88 10.36 8.23
N GLY B 70 -12.61 11.14 7.41
CA GLY B 70 -12.36 11.24 5.97
C GLY B 70 -11.70 12.57 5.60
N THR B 71 -11.10 12.62 4.40
CA THR B 71 -10.14 13.65 4.03
C THR B 71 -10.33 14.19 2.62
N LYS B 72 -11.23 13.62 1.80
CA LYS B 72 -11.18 13.84 0.36
C LYS B 72 -11.33 15.32 0.03
N LYS B 73 -12.31 15.98 0.67
CA LYS B 73 -12.57 17.39 0.47
C LYS B 73 -11.29 18.19 0.72
N LEU B 74 -10.56 17.74 1.75
CA LEU B 74 -9.24 18.26 2.06
C LEU B 74 -8.37 18.12 0.82
N THR B 75 -8.24 16.87 0.36
CA THR B 75 -7.30 16.54 -0.70
C THR B 75 -7.62 17.39 -1.93
N LYS B 76 -8.91 17.47 -2.28
CA LYS B 76 -9.39 18.31 -3.36
C LYS B 76 -8.92 19.74 -3.16
N SER B 77 -9.13 20.25 -1.94
CA SER B 77 -9.05 21.68 -1.63
C SER B 77 -7.69 22.29 -1.99
N PHE B 78 -6.59 21.58 -1.74
CA PHE B 78 -5.27 22.09 -2.08
C PHE B 78 -4.76 21.46 -3.38
N GLY B 79 -5.57 20.57 -3.98
CA GLY B 79 -5.40 20.19 -5.36
C GLY B 79 -4.23 19.23 -5.58
N TRP B 80 -4.18 18.17 -4.77
CA TRP B 80 -3.28 17.04 -4.97
C TRP B 80 -4.12 15.80 -5.25
N GLU B 81 -4.63 15.68 -6.47
CA GLU B 81 -5.57 14.62 -6.80
C GLU B 81 -4.95 13.68 -7.81
N THR B 82 -4.02 14.19 -8.65
CA THR B 82 -3.42 13.38 -9.70
C THR B 82 -2.83 12.12 -9.04
N LEU B 83 -2.83 11.03 -9.80
CA LEU B 83 -2.36 9.73 -9.32
C LEU B 83 -1.13 9.93 -8.44
N ASP B 84 -0.16 10.72 -8.95
CA ASP B 84 1.22 10.70 -8.48
C ASP B 84 1.55 11.92 -7.63
N SER B 85 0.53 12.65 -7.14
CA SER B 85 0.76 13.90 -6.45
C SER B 85 1.67 13.68 -5.22
N PHE B 86 1.32 12.71 -4.38
CA PHE B 86 2.04 12.48 -3.14
C PHE B 86 3.38 11.80 -3.36
N MET B 87 3.44 10.88 -4.34
CA MET B 87 4.66 10.13 -4.59
C MET B 87 5.72 11.05 -5.20
N GLN B 88 5.32 12.18 -5.78
CA GLN B 88 6.27 13.07 -6.42
C GLN B 88 6.81 14.12 -5.45
N HIS B 89 6.25 14.16 -4.24
CA HIS B 89 6.58 15.18 -3.27
C HIS B 89 7.07 14.56 -1.97
N ASP B 90 7.94 15.31 -1.29
CA ASP B 90 8.41 14.99 0.05
C ASP B 90 7.33 15.37 1.08
N VAL B 91 7.43 14.81 2.28
CA VAL B 91 6.40 15.01 3.29
C VAL B 91 6.40 16.47 3.71
N GLN B 92 7.60 17.07 3.85
CA GLN B 92 7.70 18.44 4.31
C GLN B 92 7.08 19.39 3.30
N GLU B 93 7.10 19.00 2.02
CA GLU B 93 6.43 19.80 1.00
C GLU B 93 4.93 19.84 1.28
N LEU B 94 4.38 18.75 1.81
CA LEU B 94 2.96 18.70 2.12
C LEU B 94 2.72 19.59 3.34
N CYS B 95 3.68 19.56 4.25
CA CYS B 95 3.62 20.33 5.47
C CYS B 95 3.60 21.81 5.13
N ARG B 96 4.54 22.24 4.29
CA ARG B 96 4.59 23.61 3.82
C ARG B 96 3.20 24.05 3.35
N VAL B 97 2.68 23.36 2.33
CA VAL B 97 1.42 23.71 1.70
C VAL B 97 0.33 23.95 2.73
N LEU B 98 0.24 23.08 3.74
CA LEU B 98 -0.80 23.19 4.74
C LEU B 98 -0.64 24.46 5.58
N LEU B 99 0.53 24.57 6.21
CA LEU B 99 0.78 25.62 7.19
C LEU B 99 0.65 26.98 6.52
N ASP B 100 1.19 27.11 5.30
CA ASP B 100 1.17 28.37 4.58
C ASP B 100 -0.24 28.86 4.33
N ASN B 101 -1.14 27.97 3.91
CA ASN B 101 -2.54 28.33 3.72
C ASN B 101 -3.06 28.91 5.02
N VAL B 102 -2.91 28.12 6.07
CA VAL B 102 -3.38 28.49 7.39
C VAL B 102 -2.74 29.81 7.82
N GLU B 103 -1.44 29.94 7.62
CA GLU B 103 -0.67 31.12 7.99
C GLU B 103 -1.29 32.38 7.41
N ASN B 104 -1.58 32.37 6.10
CA ASN B 104 -2.11 33.56 5.44
C ASN B 104 -3.54 33.83 5.89
N LYS B 105 -4.25 32.79 6.34
CA LYS B 105 -5.61 32.96 6.81
C LYS B 105 -5.64 33.59 8.20
N MET B 106 -4.56 33.41 8.96
CA MET B 106 -4.46 33.93 10.32
C MET B 106 -3.97 35.36 10.33
N LYS B 107 -3.36 35.82 9.24
CA LYS B 107 -2.87 37.18 9.19
C LYS B 107 -4.04 38.15 9.21
N GLY B 108 -3.88 39.23 10.00
CA GLY B 108 -4.95 40.19 10.24
C GLY B 108 -5.99 39.65 11.22
N THR B 109 -5.64 38.62 11.99
CA THR B 109 -6.53 38.11 13.01
C THR B 109 -5.81 38.16 14.35
N CYS B 110 -6.58 37.74 15.36
CA CYS B 110 -6.15 37.67 16.74
C CYS B 110 -4.89 36.81 16.84
N VAL B 111 -4.88 35.74 16.05
CA VAL B 111 -3.91 34.67 16.22
C VAL B 111 -2.81 34.77 15.17
N GLU B 112 -2.70 35.91 14.49
CA GLU B 112 -1.67 36.12 13.48
C GLU B 112 -0.29 35.92 14.10
N GLY B 113 0.53 35.09 13.45
CA GLY B 113 1.92 34.88 13.86
C GLY B 113 2.14 33.53 14.54
N THR B 114 1.08 32.74 14.69
CA THR B 114 1.14 31.50 15.46
C THR B 114 2.11 30.51 14.82
N ILE B 115 2.04 30.35 13.50
CA ILE B 115 2.82 29.31 12.86
C ILE B 115 4.31 29.54 13.13
N PRO B 116 4.93 30.68 12.73
CA PRO B 116 6.37 30.87 12.94
C PRO B 116 6.77 30.77 14.41
N LYS B 117 5.90 31.28 15.28
CA LYS B 117 6.09 31.12 16.71
C LYS B 117 6.35 29.65 16.97
N LEU B 118 5.54 28.77 16.38
CA LEU B 118 5.57 27.35 16.68
C LEU B 118 6.73 26.61 15.99
N PHE B 119 7.04 26.97 14.73
CA PHE B 119 7.82 26.12 13.85
C PHE B 119 9.08 26.76 13.26
N ARG B 120 9.18 28.10 13.26
CA ARG B 120 10.26 28.77 12.57
C ARG B 120 11.46 28.94 13.50
N GLY B 121 12.58 28.30 13.14
CA GLY B 121 13.87 28.60 13.72
C GLY B 121 14.65 29.51 12.77
N LYS B 122 15.82 30.01 13.21
CA LYS B 122 16.68 30.82 12.37
C LYS B 122 18.09 30.25 12.36
N MET B 123 18.83 30.66 11.32
CA MET B 123 19.97 29.93 10.83
C MET B 123 20.81 30.92 10.02
N VAL B 124 22.13 30.76 10.02
CA VAL B 124 23.01 31.60 9.23
C VAL B 124 23.87 30.71 8.36
N SER B 125 23.82 30.96 7.04
CA SER B 125 24.81 30.44 6.12
C SER B 125 25.86 31.51 5.87
N TYR B 126 27.12 31.09 5.84
CA TYR B 126 28.20 31.96 5.42
C TYR B 126 28.94 31.29 4.27
N ILE B 127 29.62 32.11 3.48
CA ILE B 127 30.79 31.67 2.73
C ILE B 127 31.95 32.53 3.22
N GLN B 128 33.09 31.87 3.44
CA GLN B 128 34.28 32.50 3.97
C GLN B 128 35.43 32.21 3.02
N CYS B 129 35.95 33.27 2.37
CA CYS B 129 37.09 33.14 1.48
C CYS B 129 38.33 32.85 2.32
N LYS B 130 39.09 31.83 1.91
CA LYS B 130 40.14 31.29 2.76
C LYS B 130 41.31 32.27 2.85
N GLU B 131 41.48 33.10 1.81
CA GLU B 131 42.70 33.88 1.61
C GLU B 131 42.45 35.39 1.80
N VAL B 132 41.36 35.91 1.22
CA VAL B 132 41.17 37.34 1.04
C VAL B 132 40.00 37.82 1.91
N ASP B 133 40.03 39.10 2.30
CA ASP B 133 39.03 39.67 3.18
C ASP B 133 37.70 39.75 2.43
N TYR B 134 36.86 38.72 2.62
CA TYR B 134 35.50 38.74 2.11
C TYR B 134 34.70 37.61 2.75
N ARG B 135 33.49 37.96 3.22
CA ARG B 135 32.56 37.03 3.85
C ARG B 135 31.13 37.37 3.45
N SER B 136 30.43 36.42 2.82
CA SER B 136 29.00 36.54 2.60
C SER B 136 28.25 35.90 3.76
N ASP B 137 27.30 36.65 4.32
CA ASP B 137 26.45 36.17 5.39
C ASP B 137 25.01 36.24 4.90
N ARG B 138 24.22 35.23 5.24
CA ARG B 138 22.79 35.28 4.98
C ARG B 138 22.06 34.49 6.05
N ARG B 139 21.33 35.21 6.90
CA ARG B 139 20.39 34.60 7.81
C ARG B 139 19.24 34.04 6.98
N GLU B 140 18.85 32.80 7.28
CA GLU B 140 17.64 32.23 6.71
C GLU B 140 16.74 31.82 7.86
N ASP B 141 15.43 31.84 7.61
CA ASP B 141 14.50 31.19 8.50
C ASP B 141 14.28 29.77 7.98
N TYR B 142 13.70 28.90 8.82
CA TYR B 142 13.45 27.52 8.45
C TYR B 142 12.39 26.92 9.36
N TYR B 143 11.57 26.02 8.79
CA TYR B 143 10.41 25.45 9.46
C TYR B 143 10.57 23.94 9.59
N ASP B 144 11.68 23.41 9.06
CA ASP B 144 11.94 21.98 9.07
C ASP B 144 13.39 21.79 8.64
N ILE B 145 13.94 20.62 8.98
CA ILE B 145 15.35 20.33 8.75
C ILE B 145 15.49 18.97 8.07
N GLN B 146 16.17 18.96 6.92
CA GLN B 146 16.42 17.72 6.21
C GLN B 146 17.82 17.22 6.59
N LEU B 147 17.87 16.03 7.20
CA LEU B 147 19.11 15.46 7.72
C LEU B 147 19.63 14.35 6.82
N SER B 148 20.97 14.29 6.68
CA SER B 148 21.62 13.21 5.96
C SER B 148 21.86 12.06 6.92
N ILE B 149 21.62 10.83 6.46
CA ILE B 149 21.72 9.65 7.30
C ILE B 149 22.78 8.67 6.80
N LYS B 150 23.01 8.64 5.47
CA LYS B 150 23.92 7.65 4.92
C LYS B 150 25.30 7.87 5.52
N GLY B 151 25.80 6.87 6.25
CA GLY B 151 27.13 6.97 6.85
C GLY B 151 27.05 7.37 8.32
N LYS B 152 25.89 7.86 8.76
CA LYS B 152 25.72 8.37 10.11
C LYS B 152 24.98 7.35 10.96
N LYS B 153 25.55 7.06 12.14
CA LYS B 153 24.93 6.16 13.11
C LYS B 153 23.60 6.74 13.59
N ASN B 154 23.62 8.00 14.01
CA ASN B 154 22.52 8.58 14.79
C ASN B 154 22.32 10.06 14.47
N ILE B 155 21.29 10.65 15.09
CA ILE B 155 20.93 12.06 14.97
C ILE B 155 22.17 12.90 15.24
N PHE B 156 22.88 12.59 16.32
CA PHE B 156 24.02 13.42 16.67
C PHE B 156 24.90 13.61 15.43
N GLU B 157 25.25 12.50 14.77
CA GLU B 157 26.15 12.56 13.62
C GLU B 157 25.56 13.42 12.50
N SER B 158 24.25 13.31 12.27
CA SER B 158 23.64 14.05 11.16
C SER B 158 23.86 15.55 11.33
N PHE B 159 23.65 16.04 12.55
CA PHE B 159 23.82 17.45 12.84
C PHE B 159 25.29 17.83 12.68
N VAL B 160 26.15 17.06 13.33
CA VAL B 160 27.58 17.26 13.16
C VAL B 160 27.88 17.48 11.67
N ASP B 161 27.34 16.60 10.81
CA ASP B 161 27.51 16.72 9.38
C ASP B 161 26.77 17.95 8.84
N TYR B 162 25.72 18.38 9.53
CA TYR B 162 24.85 19.44 9.03
C TYR B 162 25.58 20.76 9.12
N VAL B 163 26.35 20.94 10.20
CA VAL B 163 27.00 22.19 10.50
C VAL B 163 28.46 22.13 10.04
N ALA B 164 28.91 20.94 9.64
CA ALA B 164 30.29 20.73 9.24
C ALA B 164 30.56 21.52 7.98
N VAL B 165 31.80 22.02 7.88
CA VAL B 165 32.23 22.98 6.87
C VAL B 165 32.56 22.29 5.55
N GLU B 166 32.19 22.95 4.44
CA GLU B 166 32.48 22.44 3.11
C GLU B 166 33.53 23.31 2.43
N GLN B 167 34.53 22.67 1.81
CA GLN B 167 35.62 23.36 1.16
C GLN B 167 35.32 23.51 -0.34
N LEU B 168 35.28 24.76 -0.81
CA LEU B 168 35.01 25.06 -2.21
C LEU B 168 36.34 25.26 -2.94
N ASP B 169 36.86 24.19 -3.57
CA ASP B 169 38.19 24.27 -4.18
C ASP B 169 38.07 23.99 -5.68
N GLY B 170 39.10 23.39 -6.29
CA GLY B 170 39.09 23.05 -7.71
C GLY B 170 37.69 22.65 -8.16
N ASP B 171 37.16 23.36 -9.17
CA ASP B 171 35.82 23.14 -9.68
C ASP B 171 34.78 23.83 -8.78
N ASN B 172 34.78 23.51 -7.48
CA ASN B 172 33.82 24.10 -6.55
C ASN B 172 34.19 25.55 -6.25
N LYS B 173 35.29 26.05 -6.85
CA LYS B 173 35.78 27.39 -6.59
C LYS B 173 34.62 28.39 -6.49
N TYR B 174 34.49 29.04 -5.34
CA TYR B 174 33.43 30.03 -5.13
C TYR B 174 33.64 31.22 -6.05
N ASP B 175 32.54 31.73 -6.63
CA ASP B 175 32.62 32.98 -7.36
C ASP B 175 32.49 34.14 -6.38
N ALA B 176 33.60 34.84 -6.13
CA ALA B 176 33.64 35.82 -5.08
C ALA B 176 33.46 37.25 -5.59
N GLY B 177 33.05 37.42 -6.87
CA GLY B 177 32.59 38.71 -7.37
C GLY B 177 33.74 39.54 -7.94
N GLU B 178 34.21 40.52 -7.13
CA GLU B 178 35.33 41.37 -7.48
C GLU B 178 36.64 40.82 -6.91
N HIS B 179 36.57 39.67 -6.23
CA HIS B 179 37.76 38.96 -5.79
C HIS B 179 37.94 37.72 -6.66
N GLY B 180 37.25 37.69 -7.81
CA GLY B 180 37.38 36.60 -8.77
C GLY B 180 36.83 35.27 -8.24
N LEU B 181 37.50 34.16 -8.59
CA LEU B 181 37.25 32.88 -7.99
C LEU B 181 38.18 32.72 -6.78
N GLN B 182 37.75 31.89 -5.81
CA GLN B 182 38.42 31.77 -4.51
C GLN B 182 38.26 30.35 -3.98
N GLU B 183 39.35 29.83 -3.39
CA GLU B 183 39.21 28.80 -2.38
C GLU B 183 38.52 29.45 -1.19
N ALA B 184 37.40 28.86 -0.79
CA ALA B 184 36.60 29.38 0.31
C ALA B 184 35.93 28.21 1.01
N GLU B 185 35.43 28.45 2.22
CA GLU B 185 34.65 27.45 2.93
C GLU B 185 33.23 27.98 3.16
N LYS B 186 32.24 27.14 2.83
CA LYS B 186 30.84 27.37 3.18
C LYS B 186 30.52 26.59 4.45
N GLY B 187 29.77 27.24 5.35
CA GLY B 187 29.27 26.58 6.55
C GLY B 187 27.83 26.99 6.84
N VAL B 188 27.20 26.30 7.80
CA VAL B 188 25.92 26.73 8.35
C VAL B 188 26.01 26.66 9.86
N LYS B 189 25.23 27.52 10.55
CA LYS B 189 25.09 27.44 11.99
C LYS B 189 23.68 27.88 12.40
N PHE B 190 23.28 27.42 13.60
CA PHE B 190 21.93 27.60 14.10
C PHE B 190 21.86 28.80 15.02
N LEU B 191 20.95 29.73 14.72
CA LEU B 191 20.69 30.83 15.62
C LEU B 191 19.62 30.40 16.62
N THR B 192 18.50 29.87 16.12
CA THR B 192 17.49 29.33 17.03
C THR B 192 16.99 27.98 16.55
N LEU B 193 16.38 27.25 17.51
CA LEU B 193 15.66 26.02 17.26
C LEU B 193 14.25 26.24 17.76
N PRO B 194 13.21 26.01 16.97
CA PRO B 194 11.88 26.46 17.35
C PRO B 194 11.29 25.52 18.41
N PRO B 195 10.18 25.93 19.08
CA PRO B 195 9.44 25.05 20.00
C PRO B 195 9.12 23.68 19.44
N VAL B 196 8.76 23.64 18.14
CA VAL B 196 8.37 22.41 17.47
C VAL B 196 9.32 22.15 16.28
N LEU B 197 10.00 21.01 16.35
CA LEU B 197 11.10 20.71 15.46
C LEU B 197 10.71 19.59 14.48
N HIS B 198 10.54 19.93 13.21
CA HIS B 198 10.25 18.94 12.19
C HIS B 198 11.56 18.52 11.52
N LEU B 199 11.99 17.27 11.77
CA LEU B 199 13.18 16.71 11.15
C LEU B 199 12.81 15.61 10.17
N GLN B 200 13.20 15.78 8.90
CA GLN B 200 13.05 14.75 7.88
C GLN B 200 14.37 14.00 7.69
N LEU B 201 14.27 12.66 7.59
CA LEU B 201 15.42 11.80 7.33
C LEU B 201 15.54 11.50 5.84
N MET B 202 16.68 11.85 5.25
CA MET B 202 16.84 11.77 3.81
C MET B 202 17.14 10.32 3.42
N ARG B 203 16.07 9.51 3.33
CA ARG B 203 16.23 8.09 3.04
C ARG B 203 16.14 7.82 1.54
N ALA B 204 15.71 8.82 0.77
CA ALA B 204 15.79 8.79 -0.67
C ALA B 204 17.08 9.46 -1.13
N MET B 205 17.74 8.93 -2.18
CA MET B 205 18.85 9.65 -2.80
C MET B 205 18.93 9.35 -4.31
N PRO B 208 20.73 8.62 -9.47
CA PRO B 208 22.02 8.14 -8.98
C PRO B 208 22.61 7.13 -9.95
N GLN B 209 23.52 6.28 -9.45
CA GLN B 209 24.13 5.23 -10.26
C GLN B 209 23.07 4.35 -10.93
N THR B 210 22.11 3.87 -10.13
CA THR B 210 21.06 2.99 -10.63
C THR B 210 19.90 3.83 -11.16
N ASP B 211 19.94 5.16 -10.90
CA ASP B 211 18.93 6.08 -11.40
C ASP B 211 17.55 5.78 -10.78
N GLN B 212 17.36 6.15 -9.49
CA GLN B 212 16.05 5.98 -8.84
C GLN B 212 16.03 6.63 -7.46
N ASN B 213 14.86 7.12 -7.02
CA ASN B 213 14.72 7.67 -5.67
C ASN B 213 14.81 6.51 -4.68
N ILE B 214 15.98 5.84 -4.66
CA ILE B 214 16.18 4.59 -3.95
C ILE B 214 16.17 4.84 -2.44
N LYS B 215 15.53 3.94 -1.68
CA LYS B 215 15.34 4.12 -0.25
C LYS B 215 16.44 3.39 0.51
N ILE B 216 17.03 4.11 1.48
CA ILE B 216 18.05 3.58 2.35
C ILE B 216 17.37 3.03 3.59
N ASN B 217 17.52 1.74 3.85
CA ASN B 217 16.93 1.11 5.03
C ASN B 217 17.99 0.95 6.13
N ASP B 218 19.17 1.52 5.92
CA ASP B 218 20.25 1.42 6.88
C ASP B 218 19.72 1.83 8.26
N ARG B 219 20.32 1.25 9.31
CA ARG B 219 19.96 1.62 10.67
C ARG B 219 20.26 3.09 10.89
N PHE B 220 19.32 3.81 11.52
CA PHE B 220 19.55 5.18 11.93
C PHE B 220 18.89 5.38 13.30
N GLU B 221 19.68 5.87 14.25
CA GLU B 221 19.30 5.91 15.66
C GLU B 221 18.88 7.32 16.03
N PHE B 222 17.94 7.45 16.98
CA PHE B 222 17.50 8.76 17.44
C PHE B 222 17.00 8.63 18.87
N PRO B 223 17.26 9.64 19.73
CA PRO B 223 17.01 9.52 21.16
C PRO B 223 15.67 10.10 21.62
N GLU B 224 15.14 9.58 22.73
CA GLU B 224 13.92 10.08 23.30
C GLU B 224 14.14 11.55 23.64
N GLN B 225 15.28 11.83 24.31
CA GLN B 225 15.61 13.17 24.74
C GLN B 225 16.84 13.66 23.97
N LEU B 226 16.66 14.80 23.30
CA LEU B 226 17.62 15.30 22.32
C LEU B 226 18.18 16.65 22.76
N PRO B 227 19.47 16.70 23.17
CA PRO B 227 20.11 17.94 23.61
C PRO B 227 20.84 18.60 22.45
N LEU B 228 20.57 19.89 22.22
CA LEU B 228 21.10 20.55 21.05
C LEU B 228 21.90 21.81 21.38
N ASP B 229 21.85 22.29 22.63
CA ASP B 229 22.58 23.49 23.04
C ASP B 229 23.93 23.60 22.30
N GLU B 230 24.61 22.45 22.17
CA GLU B 230 25.95 22.40 21.64
C GLU B 230 26.00 22.55 20.12
N PHE B 231 24.89 22.88 19.47
CA PHE B 231 24.91 23.27 18.07
C PHE B 231 24.54 24.74 17.92
N LEU B 232 24.15 25.38 19.03
CA LEU B 232 23.73 26.77 18.96
C LEU B 232 24.97 27.66 18.98
N GLN B 233 24.80 28.91 18.54
CA GLN B 233 25.82 29.93 18.63
C GLN B 233 26.05 30.29 20.10
N LYS B 234 25.01 30.82 20.74
CA LYS B 234 25.02 31.12 22.17
C LYS B 234 23.98 30.26 22.87
N THR B 235 24.39 29.56 23.92
CA THR B 235 23.44 28.88 24.79
C THR B 235 22.76 29.91 25.69
N ASP B 236 21.55 29.58 26.14
CA ASP B 236 20.88 30.30 27.19
C ASP B 236 20.66 29.31 28.33
N PRO B 237 21.33 29.49 29.50
CA PRO B 237 21.12 28.60 30.64
C PRO B 237 19.70 28.62 31.21
N LYS B 238 18.98 29.74 31.03
CA LYS B 238 17.60 29.86 31.45
C LYS B 238 16.70 28.95 30.60
N ASP B 239 17.09 28.77 29.34
CA ASP B 239 16.36 27.93 28.42
C ASP B 239 17.33 27.17 27.53
N PRO B 240 17.77 25.96 27.94
CA PRO B 240 18.73 25.19 27.15
C PRO B 240 17.90 24.37 26.16
N ALA B 241 18.57 23.91 25.10
CA ALA B 241 17.89 23.30 23.96
C ALA B 241 17.80 21.79 24.14
N ASN B 242 16.92 21.38 25.07
CA ASN B 242 16.57 19.99 25.25
C ASN B 242 15.19 19.75 24.63
N TYR B 243 15.07 18.66 23.87
CA TYR B 243 13.89 18.40 23.05
C TYR B 243 13.33 17.01 23.31
N ILE B 244 11.98 16.92 23.27
CA ILE B 244 11.26 15.72 23.63
C ILE B 244 10.70 15.05 22.38
N LEU B 245 10.69 13.72 22.35
CA LEU B 245 10.17 13.05 21.18
C LEU B 245 8.65 13.05 21.25
N HIS B 246 8.03 13.51 20.16
CA HIS B 246 6.58 13.56 20.07
C HIS B 246 6.05 12.54 19.06
N ALA B 247 6.70 12.42 17.89
CA ALA B 247 6.16 11.57 16.85
C ALA B 247 7.26 10.96 15.97
N VAL B 248 7.00 9.72 15.55
CA VAL B 248 7.89 8.97 14.66
C VAL B 248 7.11 8.47 13.47
N LEU B 249 7.31 9.10 12.30
CA LEU B 249 6.59 8.77 11.08
C LEU B 249 7.28 7.60 10.39
N VAL B 250 6.58 6.50 10.20
CA VAL B 250 7.25 5.29 9.79
C VAL B 250 6.72 4.83 8.43
N HIS B 251 7.55 4.09 7.75
CA HIS B 251 7.26 3.62 6.42
C HIS B 251 8.05 2.35 6.23
N SER B 252 7.39 1.30 5.73
CA SER B 252 8.03 -0.01 5.60
C SER B 252 8.00 -0.47 4.14
N GLY B 253 9.15 -0.50 3.47
CA GLY B 253 9.20 -0.99 2.10
C GLY B 253 10.24 -0.26 1.26
N ASP B 254 9.86 0.16 0.04
CA ASP B 254 10.79 0.79 -0.89
C ASP B 254 10.03 1.75 -1.80
N ASN B 255 10.75 2.51 -2.64
CA ASN B 255 10.11 3.43 -3.57
C ASN B 255 8.76 2.95 -4.06
N HIS B 256 8.72 1.70 -4.51
CA HIS B 256 7.49 1.16 -5.04
C HIS B 256 6.38 1.51 -4.06
N GLY B 257 6.46 0.94 -2.85
CA GLY B 257 5.39 1.15 -1.88
C GLY B 257 5.86 0.85 -0.47
N GLY B 258 5.02 1.21 0.52
CA GLY B 258 5.32 0.92 1.91
C GLY B 258 4.05 1.14 2.74
N HIS B 259 4.01 0.55 3.94
CA HIS B 259 2.87 0.78 4.81
C HIS B 259 3.16 2.02 5.64
N TYR B 260 2.54 3.14 5.27
CA TYR B 260 2.74 4.35 6.05
C TYR B 260 2.04 4.18 7.40
N VAL B 261 2.72 4.65 8.43
CA VAL B 261 2.21 4.62 9.79
C VAL B 261 2.80 5.82 10.53
N VAL B 262 2.30 6.09 11.74
CA VAL B 262 2.95 7.05 12.63
C VAL B 262 2.73 6.60 14.07
N TYR B 263 3.76 6.79 14.91
CA TYR B 263 3.67 6.59 16.34
C TYR B 263 3.74 7.95 17.04
N LEU B 264 2.95 8.09 18.11
CA LEU B 264 2.82 9.36 18.83
C LEU B 264 2.61 9.07 20.31
N ASN B 265 3.11 9.98 21.15
CA ASN B 265 2.72 10.08 22.54
C ASN B 265 2.05 11.44 22.66
N PRO B 266 0.74 11.56 22.31
CA PRO B 266 0.08 12.86 22.14
C PRO B 266 0.24 13.88 23.26
N LYS B 267 0.39 13.39 24.49
CA LYS B 267 0.53 14.22 25.67
C LYS B 267 2.00 14.51 25.96
N GLY B 268 2.94 13.72 25.43
CA GLY B 268 4.35 13.95 25.68
C GLY B 268 4.81 13.30 26.99
N ASP B 269 3.99 12.35 27.46
CA ASP B 269 4.19 11.66 28.73
C ASP B 269 4.88 10.31 28.49
N GLY B 270 5.13 9.96 27.23
CA GLY B 270 5.76 8.71 26.87
C GLY B 270 4.75 7.57 26.79
N LYS B 271 3.46 7.88 26.75
CA LYS B 271 2.43 6.88 26.55
C LYS B 271 2.08 6.84 25.07
N TRP B 272 2.65 5.86 24.38
CA TRP B 272 2.70 5.85 22.93
C TRP B 272 1.50 5.10 22.34
N CYS B 273 1.00 5.63 21.22
CA CYS B 273 -0.01 4.96 20.42
C CYS B 273 0.47 4.88 18.99
N LYS B 274 0.09 3.80 18.31
CA LYS B 274 0.33 3.64 16.89
C LYS B 274 -0.93 4.07 16.15
N PHE B 275 -0.76 4.70 14.98
CA PHE B 275 -1.87 5.12 14.16
C PHE B 275 -1.68 4.58 12.74
N ASP B 276 -2.47 3.55 12.37
CA ASP B 276 -2.42 2.96 11.05
C ASP B 276 -3.78 3.13 10.36
N ASP B 277 -3.93 4.28 9.68
CA ASP B 277 -5.14 4.71 9.01
C ASP B 277 -6.32 4.73 9.99
N ASP B 278 -7.33 3.89 9.75
CA ASP B 278 -8.55 3.92 10.55
C ASP B 278 -8.22 3.54 11.99
N VAL B 279 -7.20 2.67 12.15
CA VAL B 279 -7.00 1.86 13.34
C VAL B 279 -5.88 2.39 14.23
N VAL B 280 -6.21 2.64 15.50
CA VAL B 280 -5.27 3.19 16.46
C VAL B 280 -5.10 2.19 17.60
N SER B 281 -3.86 1.89 17.98
CA SER B 281 -3.60 1.00 19.10
C SER B 281 -2.59 1.65 20.04
N ARG B 282 -2.71 1.33 21.33
CA ARG B 282 -1.64 1.58 22.28
C ARG B 282 -0.45 0.73 21.84
N CYS B 283 0.76 1.18 22.18
CA CYS B 283 1.99 0.50 21.77
C CYS B 283 3.13 0.83 22.74
N THR B 284 4.15 -0.04 22.73
CA THR B 284 5.28 0.10 23.62
C THR B 284 6.18 1.23 23.16
N LYS B 285 6.93 1.81 24.10
CA LYS B 285 7.98 2.76 23.77
C LYS B 285 8.85 2.17 22.66
N GLU B 286 9.26 0.92 22.89
CA GLU B 286 10.20 0.23 22.04
C GLU B 286 9.67 0.22 20.60
N GLU B 287 8.39 -0.14 20.44
CA GLU B 287 7.81 -0.30 19.12
C GLU B 287 7.81 1.03 18.38
N ALA B 288 7.62 2.12 19.14
CA ALA B 288 7.59 3.47 18.60
C ALA B 288 8.99 3.91 18.15
N ILE B 289 9.98 3.74 19.05
CA ILE B 289 11.29 4.33 18.89
C ILE B 289 12.26 3.37 18.22
N GLU B 290 12.86 2.48 19.02
CA GLU B 290 14.05 1.74 18.61
C GLU B 290 13.69 0.73 17.53
N HIS B 291 12.42 0.29 17.51
CA HIS B 291 11.96 -0.67 16.52
C HIS B 291 11.99 -0.04 15.13
N ASN B 292 12.02 1.30 15.06
CA ASN B 292 12.00 1.99 13.78
C ASN B 292 13.34 2.68 13.51
N TYR B 293 14.40 2.13 14.10
CA TYR B 293 15.75 2.50 13.75
C TYR B 293 16.06 1.98 12.35
N GLY B 294 15.60 0.76 12.04
CA GLY B 294 15.84 0.14 10.74
C GLY B 294 16.94 -0.90 10.83
N GLY B 295 17.41 -1.39 9.67
CA GLY B 295 18.47 -2.38 9.59
C GLY B 295 17.96 -3.78 9.86
N CYS B 305 11.67 -3.18 4.33
CA CYS B 305 12.02 -2.91 5.75
C CYS B 305 11.33 -1.63 6.23
N THR B 306 11.15 -1.57 7.56
CA THR B 306 10.32 -0.59 8.26
C THR B 306 11.20 0.35 9.09
N ASN B 307 10.95 1.66 8.99
CA ASN B 307 11.81 2.63 9.64
C ASN B 307 11.33 4.07 9.40
N ALA B 308 11.69 4.91 10.38
CA ALA B 308 11.26 6.29 10.48
C ALA B 308 11.85 7.14 9.35
N TYR B 309 11.03 8.05 8.81
CA TYR B 309 11.47 9.00 7.82
C TYR B 309 11.33 10.42 8.33
N MET B 310 10.60 10.62 9.44
CA MET B 310 10.42 11.96 9.97
C MET B 310 10.12 11.91 11.46
N LEU B 311 10.74 12.84 12.21
CA LEU B 311 10.66 12.88 13.66
C LEU B 311 10.13 14.25 14.06
N VAL B 312 9.44 14.28 15.21
CA VAL B 312 8.86 15.52 15.72
C VAL B 312 9.27 15.68 17.17
N TYR B 313 10.02 16.75 17.43
CA TYR B 313 10.53 17.06 18.75
C TYR B 313 9.87 18.35 19.20
N ILE B 314 9.60 18.43 20.51
CA ILE B 314 9.11 19.65 21.12
C ILE B 314 10.05 20.00 22.27
N ARG B 315 10.36 21.29 22.41
CA ARG B 315 11.30 21.74 23.44
C ARG B 315 10.66 21.56 24.80
N GLU B 316 11.44 21.01 25.74
CA GLU B 316 10.96 20.71 27.08
C GLU B 316 10.29 21.95 27.70
N SER B 317 10.95 23.11 27.62
CA SER B 317 10.43 24.34 28.20
C SER B 317 9.03 24.69 27.70
N LYS B 318 8.65 24.18 26.52
CA LYS B 318 7.45 24.63 25.84
C LYS B 318 6.32 23.60 25.87
N LEU B 319 6.65 22.35 26.22
CA LEU B 319 5.73 21.21 26.14
C LEU B 319 4.35 21.53 26.70
N SER B 320 4.34 22.20 27.86
CA SER B 320 3.13 22.52 28.62
C SER B 320 2.18 23.34 27.75
N GLU B 321 2.75 24.33 27.07
CA GLU B 321 1.98 25.29 26.29
C GLU B 321 1.60 24.70 24.94
N VAL B 322 2.53 23.99 24.31
CA VAL B 322 2.30 23.40 23.01
C VAL B 322 1.22 22.32 23.10
N LEU B 323 1.27 21.50 24.16
CA LEU B 323 0.29 20.45 24.39
C LEU B 323 -0.74 20.86 25.44
N GLN B 324 -1.04 22.15 25.53
CA GLN B 324 -2.13 22.65 26.36
C GLN B 324 -3.42 21.97 25.95
N ALA B 325 -4.16 21.42 26.92
CA ALA B 325 -5.38 20.68 26.65
C ALA B 325 -6.36 21.53 25.85
N VAL B 326 -7.14 20.85 24.99
CA VAL B 326 -8.11 21.50 24.12
C VAL B 326 -9.50 20.94 24.43
N THR B 327 -10.42 21.84 24.75
CA THR B 327 -11.77 21.46 25.13
C THR B 327 -12.69 21.77 23.96
N ASP B 328 -13.94 21.32 24.09
CA ASP B 328 -14.95 21.53 23.07
C ASP B 328 -15.25 23.02 22.96
N HIS B 329 -15.15 23.74 24.10
CA HIS B 329 -15.39 25.17 24.18
C HIS B 329 -14.46 25.95 23.25
N ASP B 330 -13.33 25.36 22.85
CA ASP B 330 -12.30 26.10 22.14
C ASP B 330 -12.66 26.26 20.67
N ILE B 331 -13.78 25.66 20.25
CA ILE B 331 -14.23 25.80 18.87
C ILE B 331 -15.38 26.80 18.85
N PRO B 332 -15.30 27.91 18.09
CA PRO B 332 -16.44 28.82 17.93
C PRO B 332 -17.70 28.06 17.54
N GLN B 333 -18.80 28.34 18.24
CA GLN B 333 -20.05 27.61 18.05
C GLN B 333 -20.60 27.94 16.65
N GLN B 334 -20.31 29.15 16.16
CA GLN B 334 -20.48 29.49 14.75
C GLN B 334 -20.00 28.34 13.87
N LEU B 335 -18.71 28.02 14.02
CA LEU B 335 -18.06 26.96 13.28
C LEU B 335 -18.80 25.66 13.53
N VAL B 336 -18.91 25.29 14.81
CA VAL B 336 -19.53 24.04 15.21
C VAL B 336 -20.84 23.85 14.44
N GLU B 337 -21.71 24.86 14.51
CA GLU B 337 -22.99 24.82 13.84
C GLU B 337 -22.77 24.46 12.36
N ARG B 338 -21.84 25.17 11.70
CA ARG B 338 -21.59 25.03 10.27
C ARG B 338 -21.17 23.62 9.87
N LEU B 339 -20.45 22.92 10.76
CA LEU B 339 -19.94 21.59 10.51
C LEU B 339 -20.97 20.54 10.91
N GLN B 340 -21.81 20.88 11.89
CA GLN B 340 -22.91 20.03 12.31
C GLN B 340 -23.93 19.92 11.19
N GLU B 341 -24.28 21.09 10.63
CA GLU B 341 -25.21 21.19 9.50
C GLU B 341 -24.67 20.36 8.35
N GLU B 342 -23.37 20.48 8.09
CA GLU B 342 -22.73 19.82 6.97
C GLU B 342 -22.84 18.31 7.12
N LYS B 343 -22.67 17.82 8.36
CA LYS B 343 -22.78 16.39 8.65
C LYS B 343 -24.23 15.92 8.47
N ARG B 344 -25.16 16.73 8.98
CA ARG B 344 -26.59 16.44 8.94
C ARG B 344 -27.06 16.32 7.49
N ILE B 345 -26.73 17.33 6.67
CA ILE B 345 -27.08 17.36 5.25
C ILE B 345 -26.81 15.99 4.63
N GLU B 346 -25.73 15.32 5.08
CA GLU B 346 -25.52 13.93 4.67
C GLU B 346 -26.60 13.04 5.27
N ALA B 347 -27.69 12.89 4.50
CA ALA B 347 -28.57 11.75 4.54
C ALA B 347 -28.66 11.15 3.13
N GLN B 348 -28.01 9.99 2.92
CA GLN B 348 -28.05 9.27 1.66
C GLN B 348 -28.57 7.85 1.90
N LYS B 349 -29.52 7.42 1.07
CA LYS B 349 -30.12 6.08 1.17
C LYS B 349 -29.04 4.98 1.24
C10 A1ICX C . -1.99 -0.70 3.35
C15 A1ICX C . -6.17 -4.46 3.77
C17 A1ICX C . -6.03 -6.79 3.98
C20 A1ICX C . -8.91 -11.19 3.30
C21 A1ICX C . -9.12 -12.52 3.64
C24 A1ICX C . -6.54 -11.60 3.01
C28 A1ICX C . -7.94 -11.53 -1.50
C01 A1ICX C . -7.87 -7.47 0.99
C02 A1ICX C . -7.83 -6.55 2.24
C05 A1ICX C . -3.74 -1.06 5.78
C07 A1ICX C . -2.05 -3.24 2.13
C11 A1ICX C . -3.05 -1.59 3.57
C14 A1ICX C . -5.40 -3.40 3.47
C16 A1ICX C . -5.49 -5.62 3.70
C19 A1ICX C . -7.79 -8.50 3.71
C25 A1ICX C . -7.64 -10.73 2.97
C29 A1ICX C . -8.33 -12.98 -1.15
C30 A1ICX C . -12.37 -14.58 -2.25
C33 A1ICX C . -16.95 -15.01 -1.83
N09 A1ICX C . -0.95 -1.07 2.51
O38 A1ICX C . -11.95 -14.84 1.18
C39 A1ICX C . -12.50 -14.80 0.09
C37 A1ICX C . -13.83 -14.90 -0.01
C36 A1ICX C . -14.73 -15.04 0.94
C35 A1ICX C . -15.92 -15.10 0.37
N34 A1ICX C . -15.77 -14.99 -0.94
C32 A1ICX C . -14.47 -14.85 -1.18
N31 A1ICX C . -13.77 -14.69 -2.33
N40 A1ICX C . -11.75 -14.63 -1.00
C41 A1ICX C . -10.28 -14.52 -0.88
C43 A1ICX C . -9.86 -13.08 -1.06
C44 A1ICX C . -10.33 -12.22 0.12
C45 A1ICX C . -9.95 -10.75 -0.12
O42 A1ICX C . -10.47 -12.61 -2.27
N46 A1ICX C . -8.50 -10.63 -0.45
C47 A1ICX C . -7.61 -9.82 0.16
O27 A1ICX C . -6.42 -9.79 -0.16
C48 A1ICX C . -8.14 -8.94 1.33
C26 A1ICX C . -7.41 -9.39 2.62
C22 A1ICX C . -8.04 -13.37 3.66
C23 A1ICX C . -6.76 -12.92 3.34
N18 A1ICX C . -7.17 -7.22 3.37
O03 A1ICX C . -5.49 -7.42 4.90
S04 A1ICX C . -3.94 -5.39 3.34
C13 A1ICX C . -4.12 -3.71 3.20
C12 A1ICX C . -3.12 -2.85 2.94
C08 A1ICX C . -0.99 -2.35 1.91
O06 A1ICX C . -4.08 -1.21 4.40
H10 A1ICX C . -1.99 0.28 3.83
H15 A1ICX C . -7.22 -4.40 3.99
H20 A1ICX C . -9.76 -10.50 3.26
H21 A1ICX C . -10.11 -12.89 3.88
H24 A1ICX C . -5.55 -11.25 2.76
H28 A1ICX C . -8.36 -11.25 -2.46
H29 A1ICX C . -6.86 -11.47 -1.54
H01 A1ICX C . -8.66 -7.11 0.33
H02 A1ICX C . -6.92 -7.36 0.47
H03 A1ICX C . -8.86 -6.28 2.52
H04 A1ICX C . -7.29 -5.67 1.96
H07 A1ICX C . -4.56 -1.44 6.39
H05 A1ICX C . -3.60 0.00 6.00
H06 A1ICX C . -2.83 -1.61 6.01
H08 A1ICX C . -2.04 -4.21 1.64
H14 A1ICX C . -5.79 -2.38 3.46
H2A A1ICX C . -7.41 -8.88 4.67
H19 A1ICX C . -8.87 -8.39 3.76
H3A A1ICX C . -7.96 -13.63 -1.94
H3B A1ICX C . -7.89 -13.26 -0.20
H30 A1ICX C . -11.79 -14.46 -3.15
H35 A1ICX C . -16.77 -14.36 -2.71
H33 A1ICX C . -17.81 -14.59 -1.27
H34 A1ICX C . -17.17 -16.01 -2.15
H37 A1ICX C . -14.52 -15.13 2.00
H36 A1ICX C . -16.87 -15.24 0.89
H41 A1ICX C . -9.80 -15.11 -1.65
H42 A1ICX C . -9.92 -14.87 0.09
H44 A1ICX C . -9.85 -12.59 1.02
H45 A1ICX C . -11.40 -12.30 0.24
H47 A1ICX C . -10.22 -10.20 0.77
H46 A1ICX C . -10.53 -10.36 -0.95
H49 A1ICX C . -11.45 -12.69 -2.22
H48 A1ICX C . -9.20 -9.04 1.49
H26 A1ICX C . -6.34 -9.26 2.47
H22 A1ICX C . -8.18 -14.41 3.93
H23 A1ICX C . -5.91 -13.61 3.37
H09 A1ICX C . -0.18 -2.65 1.25
C10 A1ICX D . -0.72 4.18 -4.19
C15 A1ICX D . 4.87 5.31 -3.75
C17 A1ICX D . 6.37 4.83 -1.88
C20 A1ICX D . 10.76 6.96 0.48
C21 A1ICX D . 11.76 6.94 1.45
C24 A1ICX D . 9.11 6.71 2.22
C28 A1ICX D . 8.09 11.06 1.95
C01 A1ICX D . 7.11 8.26 -1.86
C02 A1ICX D . 7.21 7.06 -2.81
C05 A1ICX D . 1.24 3.51 -6.37
C07 A1ICX D . 0.87 4.08 -1.91
C11 A1ICX D . 0.66 4.39 -4.29
C14 A1ICX D . 3.56 5.17 -4.09
C16 A1ICX D . 5.17 4.86 -2.52
C19 A1ICX D . 8.56 5.76 -1.18
C25 A1ICX D . 9.43 6.83 0.85
C29 A1ICX D . 9.22 11.30 2.95
C30 A1ICX D . 12.29 14.38 2.32
C33 A1ICX D . 15.53 16.69 0.20
N09 A1ICX D . -1.31 3.91 -2.95
O38 A1ICX D . 13.99 11.37 2.18
C39 A1ICX D . 13.72 12.57 2.02
C37 A1ICX D . 14.60 13.39 1.40
C36 A1ICX D . 15.79 13.18 0.87
C35 A1ICX D . 16.27 14.34 0.39
N34 A1ICX D . 15.37 15.29 0.62
C32 A1ICX D . 14.35 14.71 1.24
N31 A1ICX D . 13.21 15.24 1.68
N40 A1ICX D . 12.57 13.03 2.48
C41 A1ICX D . 11.57 12.16 3.16
C43 A1ICX D . 10.42 11.83 2.21
C44 A1ICX D . 10.91 10.79 1.22
C45 A1ICX D . 9.83 10.53 0.17
O42 A1ICX D . 9.98 12.98 1.50
N46 A1ICX D . 8.53 10.19 0.82
C47 A1ICX D . 7.73 9.17 0.41
O27 A1ICX D . 6.67 8.89 0.97
C48 A1ICX D . 8.20 8.25 -0.74
C26 A1ICX D . 8.40 6.84 -0.12
C22 A1ICX D . 11.42 6.82 2.79
C23 A1ICX D . 10.09 6.71 3.18
N18 A1ICX D . 7.31 5.81 -2.00
O03 A1ICX D . 6.55 3.89 -1.10
S04 A1ICX D . 3.79 4.27 -1.84
C13 A1ICX D . 2.81 4.58 -3.14
C12 A1ICX D . 1.48 4.35 -3.15
C08 A1ICX D . -0.50 3.88 -1.80
O06 A1ICX D . 1.22 4.65 -5.51
H10 A1ICX D . -1.34 4.21 -5.10
H15 A1ICX D . 5.59 5.74 -4.45
H20 A1ICX D . 11.03 7.05 -0.57
H21 A1ICX D . 12.80 7.04 1.15
H24 A1ICX D . 8.07 6.62 2.52
H28 A1ICX D . 7.72 12.01 1.56
H29 A1ICX D . 7.27 10.58 2.50
H01 A1ICX D . 7.21 9.17 -2.44
H02 A1ICX D . 6.12 8.25 -1.41
H03 A1ICX D . 8.10 7.16 -3.42
H04 A1ICX D . 6.34 7.08 -3.45
H07 A1ICX D . 1.45 3.84 -7.39
H05 A1ICX D . 0.27 2.99 -6.37
H06 A1ICX D . 2.02 2.83 -6.05
H08 A1ICX D . 1.45 4.06 -1.00
H14 A1ICX D . 3.19 5.49 -5.06
H2A A1ICX D . 8.70 4.79 -0.72
H19 A1ICX D . 9.41 6.00 -1.82
H3A A1ICX D . 8.90 12.03 3.69
H3B A1ICX D . 9.47 10.36 3.44
H30 A1ICX D . 11.35 14.77 2.68
H35 A1ICX D . 14.61 17.09 -0.18
H33 A1ICX D . 16.18 16.61 -0.86
H34 A1ICX D . 16.09 17.20 0.81
H37 A1ICX D . 16.31 12.22 0.83
H36 A1ICX D . 17.22 14.46 -0.11
H41 A1ICX D . 11.16 12.69 4.03
H42 A1ICX D . 12.02 11.24 3.52
H44 A1ICX D . 11.13 9.86 1.74
H45 A1ICX D . 11.80 11.15 0.71
H47 A1ICX D . 10.19 9.73 -0.45
H46 A1ICX D . 9.70 11.43 -0.45
H49 A1ICX D . 10.71 13.36 0.99
H48 A1ICX D . 9.13 8.57 -1.20
H26 A1ICX D . 7.48 6.58 0.40
H22 A1ICX D . 12.21 6.81 3.54
H23 A1ICX D . 9.83 6.62 4.24
H09 A1ICX D . -0.94 3.67 -0.83
#